data_3K75
#
_entry.id   3K75
#
_cell.length_a   140.770
_cell.length_b   44.050
_cell.length_c   152.770
_cell.angle_alpha   90.000
_cell.angle_beta   107.210
_cell.angle_gamma   90.000
#
_symmetry.space_group_name_H-M   'C 1 2 1'
#
loop_
_entity.id
_entity.type
_entity.pdbx_description
1 polymer 'DNA repair protein XRCC1'
2 polymer 'DNA polymerase beta'
#
loop_
_entity_poly.entity_id
_entity_poly.type
_entity_poly.pdbx_seq_one_letter_code
_entity_poly.pdbx_strand_id
1 'polypeptide(L)'
;MPEIRLRHVVSCSSQDSTHCAENLLKADTYRKWRAAKAGEKTISVVLQLEKEEQIHSVDIGNDGSAFVEVLVGSSAGGAG
EQDYEVLLVTSSFMSPSESRSGSNPNRVRMFGPDKLVRAAAEKRWDRVKIVCSQPYSKDSPFGLSFVRFHSPPDKDEAEA
PSQKVTVTKLGQFRVKEEDESANHHHHHH
;
B,C
2 'polypeptide(L)'
;MDDTSSSINFLTRVTGIGPSAARKLVDEGIKTLEDLRKNEDKLNHHQRIGLKYFEDFEKRIPREEMLQMQDIVLNEVKKL
DPEYIATVCGSFRRGAESSGDMDVLLTHPNFTSESSKQPKLLHRVVEQLQKVRFITDTLSKGETKFMGVCQLPSENDENE
YPHRRIDIRLIPKDQYYCGVLYFTGSDIFNKNMRAHALEKGFTINEYTIRPLGVTGVAGEPLPVDSEQDIFDYIQWRYRE
PKDRSEHHHHHH
;
D,E
#
# COMPACT_ATOMS: atom_id res chain seq x y z
N PRO A 2 48.76 -2.40 9.23
CA PRO A 2 49.53 -3.41 9.92
C PRO A 2 49.03 -4.81 9.64
N GLU A 3 49.92 -5.69 9.19
CA GLU A 3 49.60 -7.10 9.01
C GLU A 3 49.15 -7.67 10.34
N ILE A 4 47.99 -8.31 10.35
CA ILE A 4 47.57 -9.08 11.49
C ILE A 4 48.32 -10.41 11.46
N ARG A 5 48.63 -10.95 12.63
CA ARG A 5 49.35 -12.22 12.69
C ARG A 5 48.36 -13.37 12.91
N LEU A 6 48.43 -14.36 12.04
CA LEU A 6 47.56 -15.53 12.15
C LEU A 6 48.20 -16.54 13.09
N ARG A 7 47.43 -17.02 14.06
CA ARG A 7 47.95 -17.96 15.04
C ARG A 7 47.99 -19.38 14.49
N HIS A 8 46.83 -20.02 14.37
CA HIS A 8 46.78 -21.38 13.86
C HIS A 8 45.49 -21.65 13.08
N VAL A 9 45.31 -22.91 12.67
CA VAL A 9 44.11 -23.32 11.94
C VAL A 9 43.09 -24.03 12.84
N VAL A 10 41.93 -23.41 13.00
CA VAL A 10 40.85 -23.97 13.78
C VAL A 10 40.21 -25.16 13.06
N SER A 11 39.99 -24.99 11.75
CA SER A 11 39.28 -25.99 10.95
C SER A 11 39.63 -25.91 9.48
N CYS A 12 39.28 -26.94 8.73
CA CYS A 12 39.37 -26.89 7.28
C CYS A 12 38.56 -28.01 6.64
N SER A 13 37.52 -27.64 5.92
CA SER A 13 36.64 -28.61 5.25
C SER A 13 37.36 -29.51 4.23
N SER A 14 38.32 -28.95 3.50
CA SER A 14 39.07 -29.74 2.53
C SER A 14 40.44 -29.11 2.25
N GLN A 15 41.47 -29.95 2.24
CA GLN A 15 42.84 -29.47 1.99
C GLN A 15 43.71 -30.57 1.38
N ASP A 16 44.59 -30.20 0.47
CA ASP A 16 45.49 -31.16 -0.15
C ASP A 16 46.61 -31.52 0.83
N SER A 17 47.19 -32.70 0.65
CA SER A 17 48.25 -33.18 1.52
C SER A 17 49.36 -32.15 1.61
N THR A 18 49.86 -31.74 0.45
CA THR A 18 50.98 -30.81 0.38
C THR A 18 50.52 -29.35 0.29
N HIS A 19 49.32 -29.13 -0.23
CA HIS A 19 48.76 -27.77 -0.30
C HIS A 19 47.71 -27.60 0.77
N CYS A 20 48.14 -27.75 2.02
CA CYS A 20 47.22 -27.82 3.14
C CYS A 20 46.80 -26.42 3.60
N ALA A 21 45.94 -26.39 4.61
CA ALA A 21 45.40 -25.13 5.10
C ALA A 21 46.40 -24.35 5.92
N GLU A 22 47.38 -25.05 6.51
CA GLU A 22 48.39 -24.40 7.34
C GLU A 22 49.27 -23.46 6.52
N ASN A 23 49.38 -23.70 5.21
CA ASN A 23 50.17 -22.82 4.35
C ASN A 23 49.63 -21.41 4.31
N LEU A 24 48.41 -21.21 4.80
CA LEU A 24 47.83 -19.87 4.85
C LEU A 24 48.48 -19.10 5.99
N LEU A 25 49.44 -19.74 6.64
CA LEU A 25 50.20 -19.08 7.70
C LEU A 25 51.57 -18.68 7.16
N LYS A 26 52.19 -19.59 6.42
CA LYS A 26 53.52 -19.39 5.86
C LYS A 26 53.52 -18.33 4.76
N ALA A 27 54.50 -17.44 4.81
CA ALA A 27 54.58 -16.35 3.84
C ALA A 27 55.32 -16.77 2.58
N ASP A 28 54.62 -16.71 1.46
CA ASP A 28 55.15 -17.07 0.16
C ASP A 28 54.04 -17.74 -0.64
N THR A 29 54.41 -18.45 -1.70
CA THR A 29 53.42 -19.06 -2.58
C THR A 29 54.10 -19.97 -3.59
N ARG A 31 53.16 -23.86 -1.62
CA ARG A 31 52.89 -22.93 -0.54
C ARG A 31 51.48 -22.36 -0.69
N LYS A 32 50.52 -23.25 -0.94
CA LYS A 32 49.14 -22.85 -1.22
C LYS A 32 48.14 -23.66 -0.40
N TRP A 33 46.91 -23.18 -0.35
CA TRP A 33 45.80 -23.99 0.14
C TRP A 33 44.94 -24.43 -1.03
N ARG A 34 44.70 -25.73 -1.14
CA ARG A 34 43.95 -26.27 -2.27
C ARG A 34 43.00 -27.40 -1.88
N ALA A 35 41.93 -27.54 -2.65
CA ALA A 35 40.94 -28.56 -2.37
C ALA A 35 41.54 -29.95 -2.45
N ALA A 36 41.26 -30.77 -1.43
CA ALA A 36 41.71 -32.16 -1.45
C ALA A 36 41.38 -32.74 -2.82
N LYS A 37 40.12 -32.60 -3.22
CA LYS A 37 39.69 -33.01 -4.55
C LYS A 37 39.17 -31.82 -5.33
N ALA A 38 39.82 -31.51 -6.45
CA ALA A 38 39.19 -30.69 -7.44
C ALA A 38 37.91 -31.48 -7.71
N GLY A 39 36.93 -30.86 -8.33
CA GLY A 39 35.64 -31.52 -8.48
C GLY A 39 34.73 -31.11 -7.35
N GLU A 40 35.33 -30.78 -6.22
CA GLU A 40 34.62 -30.11 -5.15
C GLU A 40 34.21 -28.73 -5.62
N LYS A 41 33.15 -28.18 -5.04
CA LYS A 41 32.59 -26.92 -5.51
C LYS A 41 32.91 -25.77 -4.57
N THR A 42 33.01 -26.04 -3.27
CA THR A 42 33.50 -25.04 -2.33
C THR A 42 34.37 -25.69 -1.26
N ILE A 43 35.28 -24.91 -0.69
CA ILE A 43 36.09 -25.37 0.45
C ILE A 43 36.15 -24.25 1.47
N SER A 44 36.52 -24.58 2.70
CA SER A 44 36.44 -23.63 3.80
C SER A 44 37.57 -23.79 4.82
N VAL A 45 37.91 -22.70 5.50
CA VAL A 45 38.84 -22.76 6.64
C VAL A 45 38.45 -21.81 7.76
N VAL A 46 38.91 -22.15 8.95
CA VAL A 46 38.81 -21.27 10.09
C VAL A 46 40.20 -21.07 10.67
N LEU A 47 40.65 -19.82 10.67
CA LEU A 47 41.90 -19.46 11.29
C LEU A 47 41.61 -18.74 12.60
N GLN A 48 42.33 -19.13 13.65
CA GLN A 48 42.30 -18.39 14.92
C GLN A 48 43.34 -17.30 14.82
N LEU A 49 43.08 -16.18 15.49
CA LEU A 49 44.01 -15.06 15.50
C LEU A 49 44.84 -15.10 16.77
N GLU A 50 45.99 -14.44 16.74
CA GLU A 50 46.82 -14.33 17.92
C GLU A 50 46.14 -13.54 19.03
N LYS A 51 45.30 -12.58 18.64
CA LYS A 51 44.54 -11.80 19.61
C LYS A 51 43.31 -11.17 18.98
N GLU A 52 42.30 -10.90 19.79
CA GLU A 52 41.16 -10.11 19.36
C GLU A 52 41.67 -8.80 18.80
N GLU A 53 41.47 -8.57 17.51
CA GLU A 53 41.74 -7.24 16.95
C GLU A 53 40.76 -6.89 15.85
N GLN A 54 40.79 -5.63 15.45
CA GLN A 54 39.84 -5.10 14.48
C GLN A 54 40.40 -5.22 13.07
N ILE A 55 39.57 -5.66 12.14
CA ILE A 55 40.00 -5.83 10.75
C ILE A 55 39.71 -4.55 9.99
N HIS A 56 40.76 -3.98 9.42
CA HIS A 56 40.62 -2.74 8.67
C HIS A 56 40.61 -3.02 7.18
N SER A 57 41.46 -3.94 6.75
CA SER A 57 41.69 -4.22 5.34
C SER A 57 42.05 -5.68 5.10
N VAL A 58 41.64 -6.23 3.97
CA VAL A 58 41.96 -7.61 3.63
C VAL A 58 42.56 -7.75 2.24
N ASP A 59 43.67 -8.46 2.16
CA ASP A 59 44.24 -8.85 0.88
C ASP A 59 43.92 -10.32 0.67
N ILE A 60 43.65 -10.70 -0.57
CA ILE A 60 43.38 -12.09 -0.92
C ILE A 60 44.28 -12.48 -2.08
N GLY A 61 45.03 -13.56 -1.90
CA GLY A 61 45.86 -14.11 -2.97
C GLY A 61 45.22 -15.38 -3.49
N ASN A 62 44.70 -15.33 -4.71
CA ASN A 62 43.91 -16.41 -5.29
C ASN A 62 44.76 -17.51 -5.91
N ASP A 63 44.22 -18.72 -5.89
CA ASP A 63 44.81 -19.86 -6.55
C ASP A 63 43.69 -20.71 -7.16
N GLY A 64 43.15 -20.26 -8.28
CA GLY A 64 42.16 -21.03 -9.03
C GLY A 64 40.70 -20.89 -8.60
N SER A 65 40.43 -20.05 -7.60
CA SER A 65 39.06 -19.95 -7.08
C SER A 65 38.21 -18.98 -7.90
N ALA A 66 36.93 -19.30 -8.03
CA ALA A 66 36.01 -18.46 -8.80
C ALA A 66 35.36 -17.37 -7.95
N PHE A 67 35.22 -17.64 -6.66
CA PHE A 67 34.66 -16.67 -5.73
C PHE A 67 35.32 -16.85 -4.39
N VAL A 68 35.39 -15.77 -3.61
CA VAL A 68 35.97 -15.83 -2.30
C VAL A 68 35.12 -15.00 -1.34
N GLU A 69 34.80 -15.58 -0.19
CA GLU A 69 34.05 -14.85 0.84
C GLU A 69 34.78 -14.96 2.19
N VAL A 70 34.72 -13.89 2.98
CA VAL A 70 35.39 -13.88 4.26
C VAL A 70 34.43 -13.52 5.38
N LEU A 71 34.25 -14.44 6.32
CA LEU A 71 33.45 -14.15 7.52
C LEU A 71 34.37 -14.06 8.72
N VAL A 72 33.83 -13.56 9.83
CA VAL A 72 34.60 -13.40 11.06
C VAL A 72 33.80 -13.88 12.28
N GLY A 73 34.53 -14.18 13.35
CA GLY A 73 33.91 -14.64 14.59
C GLY A 73 34.88 -14.59 15.75
N SER A 74 34.48 -15.12 16.89
CA SER A 74 35.36 -15.13 18.07
C SER A 74 35.46 -16.55 18.62
N SER A 75 36.43 -16.76 19.50
CA SER A 75 36.58 -18.04 20.16
C SER A 75 35.49 -18.15 21.22
N ALA A 76 35.28 -17.06 21.95
CA ALA A 76 34.22 -16.99 22.95
C ALA A 76 32.84 -17.09 22.30
N GLY A 77 31.91 -17.72 23.00
CA GLY A 77 30.54 -17.90 22.50
C GLY A 77 30.43 -19.07 21.55
N GLY A 78 31.44 -19.93 21.53
CA GLY A 78 31.45 -21.06 20.62
C GLY A 78 31.68 -20.60 19.19
N ALA A 79 31.51 -21.53 18.24
CA ALA A 79 31.76 -21.21 16.84
C ALA A 79 31.11 -22.27 15.96
N GLY A 80 29.95 -21.94 15.41
CA GLY A 80 29.23 -22.85 14.53
C GLY A 80 29.06 -22.27 13.14
N GLU A 81 27.98 -22.67 12.48
CA GLU A 81 27.69 -22.22 11.13
C GLU A 81 27.45 -20.72 11.09
N GLN A 82 26.25 -20.31 11.51
CA GLN A 82 25.87 -18.91 11.43
C GLN A 82 26.11 -18.19 12.74
N ASP A 83 27.18 -18.58 13.41
CA ASP A 83 27.69 -17.83 14.54
C ASP A 83 28.59 -16.73 13.99
N TYR A 84 28.91 -16.85 12.69
CA TYR A 84 29.87 -15.98 12.03
C TYR A 84 29.20 -14.86 11.24
N GLU A 85 29.86 -13.71 11.21
CA GLU A 85 29.35 -12.54 10.50
C GLU A 85 30.14 -12.37 9.21
N VAL A 86 29.49 -11.86 8.16
CA VAL A 86 30.17 -11.61 6.90
C VAL A 86 30.91 -10.29 6.90
N LEU A 87 32.25 -10.38 6.92
CA LEU A 87 33.12 -9.22 6.84
C LEU A 87 33.24 -8.76 5.39
N LEU A 88 33.74 -9.65 4.55
CA LEU A 88 33.82 -9.44 3.11
C LEU A 88 32.81 -10.34 2.42
N VAL A 89 31.94 -9.74 1.62
CA VAL A 89 30.91 -10.52 0.93
C VAL A 89 31.50 -11.19 -0.30
N THR A 90 30.87 -12.28 -0.72
CA THR A 90 31.40 -13.08 -1.82
C THR A 90 31.91 -12.20 -2.96
N SER A 91 33.19 -12.34 -3.28
CA SER A 91 33.82 -11.54 -4.33
C SER A 91 34.38 -12.38 -5.49
N SER A 92 34.46 -11.76 -6.66
CA SER A 92 34.81 -12.46 -7.88
C SER A 92 36.31 -12.35 -8.17
N PHE A 93 36.92 -13.47 -8.51
CA PHE A 93 38.36 -13.51 -8.75
C PHE A 93 38.67 -14.14 -10.09
N MET A 94 37.63 -14.68 -10.74
CA MET A 94 37.85 -15.55 -11.87
C MET A 94 36.52 -15.86 -12.55
N SER A 95 36.41 -15.49 -13.81
CA SER A 95 35.18 -15.67 -14.56
C SER A 95 34.93 -17.16 -14.84
N PRO A 96 33.69 -17.49 -15.24
CA PRO A 96 33.34 -18.85 -15.67
C PRO A 96 34.21 -19.34 -16.83
N SER A 97 34.48 -18.47 -17.81
CA SER A 97 35.26 -18.84 -18.99
C SER A 97 36.71 -19.14 -18.61
N GLU A 98 37.27 -18.29 -17.75
CA GLU A 98 38.65 -18.45 -17.31
C GLU A 98 38.76 -19.70 -16.45
N SER A 99 37.73 -19.91 -15.64
CA SER A 99 37.69 -21.02 -14.70
C SER A 99 37.61 -22.32 -15.49
N ARG A 100 36.79 -22.32 -16.52
CA ARG A 100 36.60 -23.51 -17.34
C ARG A 100 37.90 -23.83 -18.06
N SER A 101 38.81 -22.87 -18.14
CA SER A 101 40.03 -23.04 -18.90
C SER A 101 41.27 -22.67 -18.12
N GLY A 102 41.20 -22.78 -16.80
CA GLY A 102 42.35 -22.54 -15.93
C GLY A 102 43.22 -21.37 -16.37
N SER A 103 42.59 -20.23 -16.65
CA SER A 103 43.34 -19.05 -17.05
C SER A 103 43.28 -18.00 -15.96
N ASN A 104 44.42 -17.37 -15.67
CA ASN A 104 44.50 -16.34 -14.65
C ASN A 104 43.98 -16.81 -13.30
N PRO A 105 44.54 -17.90 -12.77
CA PRO A 105 44.15 -18.39 -11.46
C PRO A 105 44.70 -17.53 -10.35
N ASN A 106 45.65 -16.66 -10.70
CA ASN A 106 46.52 -16.00 -9.74
C ASN A 106 46.18 -14.55 -9.46
N ARG A 107 44.93 -14.17 -9.71
CA ARG A 107 44.51 -12.80 -9.53
C ARG A 107 44.62 -12.46 -8.04
N VAL A 108 45.05 -11.24 -7.73
CA VAL A 108 45.16 -10.81 -6.35
C VAL A 108 44.40 -9.50 -6.14
N ARG A 109 43.80 -9.35 -4.97
CA ARG A 109 42.89 -8.25 -4.72
C ARG A 109 43.09 -7.65 -3.33
N MET A 110 42.84 -6.35 -3.22
CA MET A 110 42.84 -5.62 -1.95
C MET A 110 41.41 -5.26 -1.62
N PHE A 111 41.05 -5.33 -0.34
CA PHE A 111 39.70 -4.96 0.07
C PHE A 111 39.75 -3.96 1.22
N GLY A 112 39.76 -2.69 0.85
CA GLY A 112 39.85 -1.61 1.82
C GLY A 112 38.62 -1.51 2.69
N PRO A 113 38.67 -0.64 3.71
CA PRO A 113 37.59 -0.50 4.69
C PRO A 113 36.23 -0.37 4.05
N ASP A 114 36.12 0.52 3.07
CA ASP A 114 34.85 0.79 2.40
C ASP A 114 34.27 -0.48 1.79
N LYS A 115 35.13 -1.36 1.30
CA LYS A 115 34.71 -2.60 0.62
C LYS A 115 34.36 -3.73 1.58
N LEU A 116 34.36 -3.43 2.88
CA LEU A 116 33.93 -4.39 3.89
C LEU A 116 32.55 -4.04 4.40
N VAL A 117 31.82 -5.02 4.91
CA VAL A 117 30.53 -4.70 5.52
C VAL A 117 30.82 -3.96 6.80
N ARG A 118 30.54 -2.66 6.80
CA ARG A 118 30.94 -1.76 7.88
C ARG A 118 30.43 -2.23 9.24
N ALA A 119 29.19 -2.71 9.28
CA ALA A 119 28.63 -3.23 10.53
C ALA A 119 29.63 -4.13 11.26
N ALA A 120 30.06 -5.20 10.60
CA ALA A 120 30.95 -6.18 11.22
C ALA A 120 32.37 -5.67 11.45
N ALA A 121 32.84 -4.78 10.58
CA ALA A 121 34.21 -4.30 10.65
C ALA A 121 34.44 -3.32 11.79
N GLU A 122 33.35 -2.74 12.30
CA GLU A 122 33.45 -1.85 13.45
C GLU A 122 33.87 -2.67 14.66
N LYS A 123 33.28 -3.87 14.76
CA LYS A 123 33.59 -4.80 15.82
C LYS A 123 34.96 -5.41 15.63
N ARG A 124 35.42 -6.13 16.65
CA ARG A 124 36.70 -6.83 16.59
C ARG A 124 36.49 -8.31 16.88
N TRP A 125 37.39 -9.14 16.33
CA TRP A 125 37.21 -10.58 16.33
C TRP A 125 38.54 -11.29 16.55
N ASP A 126 38.52 -12.62 16.57
CA ASP A 126 39.74 -13.41 16.71
C ASP A 126 39.65 -14.71 15.91
N ARG A 127 38.67 -14.80 15.03
CA ARG A 127 38.54 -15.93 14.11
C ARG A 127 38.16 -15.41 12.74
N VAL A 128 38.60 -16.09 11.68
N VAL A 128 38.55 -16.16 11.60
CA VAL A 128 38.14 -15.75 10.34
CA VAL A 128 38.13 -15.79 10.26
C VAL A 128 37.86 -16.97 9.48
C VAL A 128 37.81 -17.02 9.41
N LYS A 129 36.57 -17.17 9.22
CA LYS A 129 36.07 -18.02 8.14
C LYS A 129 36.35 -17.59 6.70
N ILE A 130 36.97 -18.44 5.89
CA ILE A 130 37.19 -18.11 4.47
C ILE A 130 36.65 -19.20 3.54
N VAL A 131 35.66 -18.83 2.73
CA VAL A 131 35.01 -19.77 1.80
C VAL A 131 35.43 -19.54 0.36
N CYS A 132 36.02 -20.56 -0.25
CA CYS A 132 36.45 -20.48 -1.64
C CYS A 132 35.56 -21.36 -2.51
N SER A 133 35.05 -20.78 -3.59
CA SER A 133 34.14 -21.49 -4.48
C SER A 133 34.74 -21.61 -5.87
N GLN A 134 34.33 -22.65 -6.58
CA GLN A 134 34.78 -22.90 -7.94
C GLN A 134 33.93 -24.03 -8.49
N PRO A 135 32.79 -23.67 -9.10
CA PRO A 135 31.83 -24.60 -9.66
C PRO A 135 31.89 -24.73 -11.17
N TYR A 136 32.79 -24.00 -11.82
CA TYR A 136 32.84 -23.94 -13.29
C TYR A 136 33.90 -24.89 -13.83
N SER A 137 34.43 -25.72 -12.94
CA SER A 137 35.37 -26.74 -13.31
C SER A 137 35.39 -27.85 -12.29
N LYS A 138 35.65 -29.06 -12.78
CA LYS A 138 35.78 -30.20 -11.90
C LYS A 138 37.12 -30.86 -12.18
N ASP A 139 38.00 -30.10 -12.84
CA ASP A 139 39.35 -30.55 -13.14
C ASP A 139 40.36 -29.79 -12.31
N SER A 140 40.40 -28.48 -12.52
CA SER A 140 41.46 -27.63 -12.01
C SER A 140 41.51 -27.56 -10.49
N PRO A 141 42.72 -27.62 -9.93
CA PRO A 141 42.90 -27.40 -8.51
C PRO A 141 42.41 -26.02 -8.17
N PHE A 142 41.92 -25.83 -6.95
CA PHE A 142 41.47 -24.53 -6.54
C PHE A 142 41.56 -24.31 -5.04
N GLY A 143 41.93 -23.08 -4.68
CA GLY A 143 42.09 -22.69 -3.31
C GLY A 143 42.65 -21.28 -3.28
N LEU A 144 43.62 -21.04 -2.40
CA LEU A 144 44.18 -19.70 -2.24
C LEU A 144 45.70 -19.70 -2.19
N SER A 145 46.29 -18.63 -2.69
CA SER A 145 47.73 -18.47 -2.63
C SER A 145 48.17 -17.95 -1.25
N PHE A 146 47.45 -16.94 -0.78
CA PHE A 146 47.75 -16.33 0.50
C PHE A 146 46.58 -15.46 0.90
N VAL A 147 46.65 -14.92 2.11
CA VAL A 147 45.63 -14.00 2.62
C VAL A 147 46.25 -13.12 3.67
N ARG A 148 45.97 -11.82 3.61
CA ARG A 148 46.53 -10.89 4.58
C ARG A 148 45.43 -10.02 5.15
N PHE A 149 45.25 -10.08 6.48
CA PHE A 149 44.30 -9.20 7.17
C PHE A 149 45.08 -8.05 7.81
N HIS A 150 44.44 -6.90 7.93
CA HIS A 150 45.11 -5.71 8.46
C HIS A 150 44.27 -5.02 9.51
N SER A 151 44.94 -4.41 10.48
CA SER A 151 44.28 -3.58 11.49
C SER A 151 44.61 -2.11 11.21
N PRO A 152 43.78 -1.19 11.71
CA PRO A 152 44.03 0.21 11.37
C PRO A 152 45.43 0.63 11.80
N PRO A 153 45.99 1.67 11.16
CA PRO A 153 47.29 2.21 11.54
C PRO A 153 47.24 2.93 12.90
N PRO B 2 -47.49 -19.29 8.72
CA PRO B 2 -47.61 -20.49 9.55
C PRO B 2 -46.78 -20.41 10.81
N GLU B 3 -47.43 -20.12 11.93
CA GLU B 3 -46.74 -19.93 13.21
C GLU B 3 -46.06 -21.23 13.68
N ILE B 4 -44.78 -21.13 14.01
CA ILE B 4 -44.01 -22.28 14.47
C ILE B 4 -44.24 -22.53 15.96
N ARG B 5 -44.90 -23.63 16.28
CA ARG B 5 -45.22 -23.97 17.66
C ARG B 5 -43.96 -24.33 18.44
N LEU B 6 -43.91 -23.91 19.70
CA LEU B 6 -42.74 -24.12 20.55
C LEU B 6 -42.96 -25.27 21.55
N ARG B 7 -42.02 -26.20 21.62
CA ARG B 7 -42.12 -27.33 22.53
C ARG B 7 -41.81 -26.93 23.97
N HIS B 8 -40.53 -26.67 24.27
CA HIS B 8 -40.11 -26.43 25.66
C HIS B 8 -38.85 -25.59 25.80
N VAL B 9 -38.63 -25.08 27.01
CA VAL B 9 -37.40 -24.36 27.34
C VAL B 9 -36.33 -25.37 27.74
N VAL B 10 -35.21 -25.35 27.02
CA VAL B 10 -34.09 -26.23 27.34
C VAL B 10 -33.14 -25.62 28.38
N SER B 11 -32.96 -24.30 28.30
N SER B 11 -32.95 -24.31 28.30
CA SER B 11 -32.09 -23.60 29.24
CA SER B 11 -32.11 -23.61 29.28
C SER B 11 -32.57 -22.17 29.48
C SER B 11 -32.56 -22.16 29.49
N CYS B 12 -32.14 -21.59 30.59
CA CYS B 12 -32.50 -20.22 30.95
C CYS B 12 -31.55 -19.70 32.01
N SER B 13 -30.85 -18.61 31.72
CA SER B 13 -29.85 -18.05 32.62
C SER B 13 -30.50 -17.34 33.81
N SER B 14 -31.64 -16.71 33.55
CA SER B 14 -32.39 -16.02 34.60
C SER B 14 -33.86 -15.91 34.22
N GLN B 15 -34.72 -16.51 35.02
CA GLN B 15 -36.15 -16.30 34.89
C GLN B 15 -36.77 -16.02 36.25
N ASP B 16 -37.76 -15.14 36.29
CA ASP B 16 -38.49 -14.85 37.52
C ASP B 16 -39.44 -16.01 37.84
N SER B 17 -39.62 -16.29 39.13
CA SER B 17 -40.43 -17.42 39.58
C SER B 17 -41.82 -17.46 38.93
N THR B 18 -42.48 -16.30 38.83
CA THR B 18 -43.80 -16.24 38.20
C THR B 18 -43.69 -15.84 36.72
N HIS B 19 -42.83 -14.88 36.43
CA HIS B 19 -42.57 -14.51 35.04
C HIS B 19 -41.45 -15.37 34.51
N CYS B 20 -41.73 -16.66 34.36
CA CYS B 20 -40.72 -17.63 33.98
C CYS B 20 -40.51 -17.66 32.47
N ALA B 21 -39.69 -18.60 32.03
CA ALA B 21 -39.46 -18.79 30.60
C ALA B 21 -40.66 -19.54 29.97
N GLU B 22 -41.28 -20.43 30.73
CA GLU B 22 -42.38 -21.26 30.20
C GLU B 22 -43.55 -20.42 29.71
N ASN B 23 -43.55 -19.13 30.06
CA ASN B 23 -44.59 -18.22 29.60
C ASN B 23 -44.35 -17.81 28.15
N LEU B 24 -43.17 -18.14 27.62
CA LEU B 24 -42.85 -17.84 26.24
C LEU B 24 -43.59 -18.80 25.30
N LEU B 25 -43.83 -20.02 25.76
CA LEU B 25 -44.58 -21.00 24.97
C LEU B 25 -46.07 -20.67 24.99
N LYS B 26 -46.43 -19.65 25.77
CA LYS B 26 -47.83 -19.29 25.95
C LYS B 26 -48.09 -17.87 25.46
N ALA B 27 -48.91 -17.74 24.43
CA ALA B 27 -49.32 -16.43 23.94
C ALA B 27 -50.27 -15.79 24.96
N ASP B 28 -50.01 -14.53 25.30
CA ASP B 28 -50.79 -13.84 26.32
C ASP B 28 -50.75 -14.61 27.63
N ARG B 31 -47.52 -14.39 31.73
CA ARG B 31 -47.39 -14.53 30.28
C ARG B 31 -46.07 -13.93 29.81
N LYS B 32 -45.34 -13.30 30.73
CA LYS B 32 -44.09 -12.64 30.40
C LYS B 32 -42.91 -13.42 30.96
N TRP B 33 -41.76 -13.28 30.30
CA TRP B 33 -40.51 -13.84 30.81
C TRP B 33 -39.63 -12.68 31.29
N ARG B 34 -39.14 -12.77 32.52
CA ARG B 34 -38.43 -11.66 33.14
C ARG B 34 -37.24 -12.10 33.99
N ALA B 35 -36.27 -11.22 34.15
CA ALA B 35 -35.06 -11.52 34.91
C ALA B 35 -35.36 -11.65 36.40
N ALA B 36 -34.45 -12.31 37.11
CA ALA B 36 -34.65 -12.59 38.53
C ALA B 36 -34.12 -11.47 39.42
N LYS B 37 -32.89 -11.02 39.16
CA LYS B 37 -32.21 -10.04 40.01
C LYS B 37 -32.64 -8.60 39.73
N ALA B 38 -33.09 -8.34 38.51
CA ALA B 38 -33.59 -7.02 38.12
C ALA B 38 -32.45 -6.07 37.75
N GLY B 39 -31.26 -6.29 38.31
CA GLY B 39 -30.08 -5.56 37.89
C GLY B 39 -29.56 -6.21 36.63
N GLU B 40 -28.64 -7.14 36.80
CA GLU B 40 -28.19 -7.99 35.70
C GLU B 40 -27.76 -7.13 34.52
N LYS B 41 -28.13 -7.56 33.31
CA LYS B 41 -27.95 -6.74 32.12
C LYS B 41 -28.49 -7.48 30.91
N THR B 42 -27.98 -8.70 30.73
CA THR B 42 -28.37 -9.57 29.64
C THR B 42 -28.90 -10.87 30.21
N ILE B 43 -30.13 -11.24 29.85
CA ILE B 43 -30.63 -12.57 30.17
C ILE B 43 -30.74 -13.36 28.88
N SER B 44 -30.89 -14.67 28.98
CA SER B 44 -30.88 -15.53 27.81
C SER B 44 -31.81 -16.71 28.01
N VAL B 45 -32.38 -17.19 26.92
CA VAL B 45 -33.30 -18.33 26.98
C VAL B 45 -33.26 -19.15 25.69
N VAL B 46 -32.80 -20.40 25.81
CA VAL B 46 -32.82 -21.33 24.69
C VAL B 46 -34.13 -22.10 24.66
N LEU B 47 -34.87 -21.98 23.55
CA LEU B 47 -36.16 -22.65 23.41
C LEU B 47 -36.08 -23.80 22.43
N GLN B 48 -36.43 -24.99 22.90
CA GLN B 48 -36.38 -26.17 22.06
C GLN B 48 -37.65 -26.30 21.21
N LEU B 49 -37.56 -27.12 20.17
CA LEU B 49 -38.71 -27.51 19.38
C LEU B 49 -38.33 -28.76 18.61
N GLU B 50 -38.90 -29.89 19.01
CA GLU B 50 -38.54 -31.17 18.42
C GLU B 50 -38.54 -31.16 16.90
N LYS B 51 -39.39 -30.30 16.31
CA LYS B 51 -39.48 -30.21 14.86
C LYS B 51 -38.64 -29.06 14.31
N GLU B 52 -37.67 -29.40 13.47
CA GLU B 52 -36.83 -28.39 12.83
C GLU B 52 -37.47 -27.95 11.51
N GLU B 53 -37.45 -26.65 11.26
CA GLU B 53 -37.90 -26.11 9.99
C GLU B 53 -37.40 -24.68 9.84
N GLN B 54 -37.27 -24.21 8.61
CA GLN B 54 -36.68 -22.89 8.36
C GLN B 54 -37.67 -21.79 8.71
N ILE B 55 -37.13 -20.66 9.17
CA ILE B 55 -37.95 -19.53 9.61
C ILE B 55 -37.94 -18.39 8.59
N HIS B 56 -39.13 -17.91 8.22
CA HIS B 56 -39.26 -16.85 7.23
C HIS B 56 -39.27 -15.47 7.88
N SER B 57 -39.93 -15.34 9.03
CA SER B 57 -40.06 -14.06 9.71
C SER B 57 -40.09 -14.21 11.23
N VAL B 58 -40.03 -13.08 11.93
CA VAL B 58 -40.02 -13.07 13.40
C VAL B 58 -40.76 -11.88 14.00
N ASP B 59 -41.63 -12.18 14.97
CA ASP B 59 -42.36 -11.14 15.69
C ASP B 59 -41.94 -11.17 17.16
N ILE B 60 -41.60 -10.01 17.70
CA ILE B 60 -41.02 -9.93 19.04
C ILE B 60 -41.72 -8.91 19.94
N GLY B 61 -42.24 -9.38 21.08
CA GLY B 61 -42.93 -8.53 22.04
C GLY B 61 -42.05 -8.22 23.24
N ASN B 62 -41.76 -6.94 23.45
CA ASN B 62 -40.79 -6.54 24.47
C ASN B 62 -41.45 -6.28 25.82
N ASP B 63 -40.63 -6.33 26.86
CA ASP B 63 -41.07 -5.98 28.20
C ASP B 63 -39.91 -5.35 28.99
N GLY B 64 -39.38 -4.25 28.48
CA GLY B 64 -38.39 -3.46 29.22
C GLY B 64 -36.96 -3.59 28.73
N SER B 65 -36.73 -4.52 27.80
CA SER B 65 -35.39 -4.77 27.30
C SER B 65 -34.97 -3.71 26.27
N ALA B 66 -33.74 -3.25 26.42
CA ALA B 66 -33.18 -2.23 25.54
C ALA B 66 -32.74 -2.85 24.22
N PHE B 67 -32.42 -4.15 24.24
CA PHE B 67 -32.02 -4.85 23.02
C PHE B 67 -32.46 -6.30 23.03
N VAL B 68 -32.69 -6.84 21.85
CA VAL B 68 -33.13 -8.22 21.72
C VAL B 68 -32.45 -8.89 20.53
N GLU B 69 -31.57 -9.85 20.83
CA GLU B 69 -30.89 -10.59 19.78
C GLU B 69 -31.41 -12.02 19.73
N VAL B 70 -31.90 -12.42 18.55
CA VAL B 70 -32.37 -13.78 18.36
C VAL B 70 -31.29 -14.61 17.69
N LEU B 71 -31.04 -15.79 18.24
CA LEU B 71 -29.94 -16.63 17.84
C LEU B 71 -30.47 -18.05 17.64
N VAL B 72 -29.93 -18.77 16.66
CA VAL B 72 -30.51 -20.07 16.27
C VAL B 72 -29.47 -21.18 16.13
N GLY B 73 -29.90 -22.42 16.32
CA GLY B 73 -29.02 -23.59 16.27
C GLY B 73 -29.75 -24.91 16.21
N SER B 74 -29.01 -25.99 15.97
CA SER B 74 -29.58 -27.33 15.82
C SER B 74 -29.51 -28.13 17.13
N SER B 75 -30.52 -28.95 17.36
CA SER B 75 -30.55 -29.80 18.54
C SER B 75 -29.39 -30.80 18.52
N ALA B 76 -29.12 -31.38 17.35
CA ALA B 76 -28.10 -32.41 17.22
C ALA B 76 -26.78 -31.87 16.67
N GLY B 77 -25.75 -32.70 16.69
CA GLY B 77 -24.47 -32.38 16.07
C GLY B 77 -23.67 -31.29 16.76
N GLY B 78 -24.00 -31.03 18.02
CA GLY B 78 -23.34 -29.95 18.77
C GLY B 78 -24.35 -28.92 19.23
N ALA B 79 -24.50 -28.78 20.55
CA ALA B 79 -25.57 -27.97 21.11
C ALA B 79 -25.10 -26.83 22.01
N GLY B 80 -23.79 -26.66 22.13
CA GLY B 80 -23.23 -25.62 23.01
C GLY B 80 -23.59 -24.21 22.58
N GLU B 81 -23.01 -23.21 23.26
CA GLU B 81 -23.30 -21.82 22.94
C GLU B 81 -22.70 -21.42 21.60
N GLN B 82 -21.45 -21.82 21.36
CA GLN B 82 -20.77 -21.49 20.12
C GLN B 82 -21.37 -22.25 18.93
N ASP B 83 -22.35 -23.11 19.20
CA ASP B 83 -23.06 -23.81 18.14
C ASP B 83 -24.36 -23.09 17.83
N TYR B 84 -24.26 -21.78 17.60
CA TYR B 84 -25.43 -20.96 17.30
C TYR B 84 -25.07 -19.90 16.27
N GLU B 85 -25.91 -19.78 15.24
CA GLU B 85 -25.67 -18.83 14.16
C GLU B 85 -26.75 -17.76 14.19
N VAL B 86 -26.35 -16.50 14.06
CA VAL B 86 -27.27 -15.37 14.23
C VAL B 86 -28.34 -15.30 13.14
N LEU B 87 -29.59 -15.22 13.57
CA LEU B 87 -30.73 -15.13 12.66
C LEU B 87 -31.20 -13.68 12.56
N LEU B 88 -31.43 -13.06 13.71
CA LEU B 88 -31.81 -11.66 13.78
C LEU B 88 -30.74 -10.89 14.55
N VAL B 89 -30.30 -9.79 13.98
CA VAL B 89 -29.22 -9.00 14.57
C VAL B 89 -29.73 -8.28 15.81
N THR B 90 -28.82 -7.98 16.74
CA THR B 90 -29.20 -7.29 17.97
C THR B 90 -30.03 -6.06 17.63
N SER B 91 -31.32 -6.13 17.94
CA SER B 91 -32.25 -5.04 17.64
C SER B 91 -32.68 -4.32 18.92
N SER B 92 -33.13 -3.07 18.77
CA SER B 92 -33.41 -2.22 19.93
C SER B 92 -34.89 -1.83 20.08
N PHE B 93 -35.40 -2.00 21.30
CA PHE B 93 -36.82 -1.81 21.57
C PHE B 93 -37.10 -0.63 22.52
N MET B 94 -36.05 0.14 22.81
CA MET B 94 -36.22 1.35 23.60
C MET B 94 -34.88 2.02 23.91
N SER B 95 -34.86 3.34 23.76
CA SER B 95 -33.65 4.13 23.93
C SER B 95 -33.23 4.19 25.39
N PRO B 96 -31.97 4.54 25.63
CA PRO B 96 -31.46 4.68 26.99
C PRO B 96 -32.42 5.40 27.92
N SER B 97 -32.94 6.54 27.47
CA SER B 97 -33.80 7.39 28.30
C SER B 97 -35.27 6.95 28.32
N GLU B 98 -35.60 5.93 27.52
CA GLU B 98 -36.90 5.29 27.64
C GLU B 98 -36.79 4.18 28.66
N SER B 99 -35.66 3.48 28.61
CA SER B 99 -35.34 2.44 29.58
C SER B 99 -35.27 3.03 30.98
N ARG B 100 -34.67 4.21 31.09
CA ARG B 100 -34.57 4.89 32.39
C ARG B 100 -35.91 5.43 32.86
N SER B 101 -36.66 6.05 31.95
CA SER B 101 -37.94 6.65 32.30
C SER B 101 -39.04 5.60 32.43
N GLY B 102 -38.76 4.40 31.92
CA GLY B 102 -39.71 3.30 31.98
C GLY B 102 -40.80 3.37 30.93
N SER B 103 -40.79 4.43 30.13
CA SER B 103 -41.84 4.64 29.14
C SER B 103 -41.55 3.85 27.87
N ASN B 104 -42.62 3.42 27.20
CA ASN B 104 -42.50 2.61 25.99
C ASN B 104 -41.74 1.32 26.25
N PRO B 105 -42.30 0.44 27.08
CA PRO B 105 -41.67 -0.83 27.38
C PRO B 105 -42.21 -1.98 26.55
N ASN B 106 -43.34 -1.76 25.89
CA ASN B 106 -44.09 -2.87 25.31
C ASN B 106 -44.17 -2.88 23.78
N ARG B 107 -43.20 -2.24 23.12
CA ARG B 107 -43.22 -2.21 21.65
C ARG B 107 -42.99 -3.60 21.06
N VAL B 108 -43.79 -3.92 20.05
CA VAL B 108 -43.76 -5.21 19.39
C VAL B 108 -43.34 -5.03 17.93
N ARG B 109 -42.14 -5.52 17.61
CA ARG B 109 -41.56 -5.32 16.30
C ARG B 109 -41.72 -6.53 15.38
N MET B 110 -41.81 -6.25 14.09
CA MET B 110 -41.88 -7.28 13.07
C MET B 110 -40.52 -7.43 12.42
N PHE B 111 -40.19 -8.63 11.96
CA PHE B 111 -38.90 -8.85 11.30
C PHE B 111 -39.03 -9.80 10.11
N GLY B 112 -39.23 -9.23 8.92
CA GLY B 112 -39.37 -10.02 7.69
C GLY B 112 -38.02 -10.57 7.23
N PRO B 113 -38.05 -11.38 6.16
CA PRO B 113 -36.83 -12.03 5.66
C PRO B 113 -35.72 -11.01 5.37
N ASP B 114 -36.09 -9.83 4.93
CA ASP B 114 -35.13 -8.77 4.63
C ASP B 114 -34.35 -8.39 5.90
N LYS B 115 -34.98 -8.58 7.06
CA LYS B 115 -34.39 -8.15 8.33
C LYS B 115 -33.49 -9.23 8.92
N LEU B 116 -33.52 -10.42 8.34
CA LEU B 116 -32.74 -11.54 8.86
C LEU B 116 -31.41 -11.68 8.13
N VAL B 117 -30.47 -12.34 8.80
CA VAL B 117 -29.16 -12.63 8.21
C VAL B 117 -29.29 -13.77 7.21
N ARG B 118 -29.77 -13.45 6.01
CA ARG B 118 -30.23 -14.48 5.08
C ARG B 118 -29.17 -15.50 4.68
N ALA B 119 -27.94 -15.31 5.14
CA ALA B 119 -26.92 -16.32 5.01
C ALA B 119 -27.35 -17.55 5.80
N ALA B 120 -27.58 -17.35 7.10
CA ALA B 120 -28.00 -18.43 7.99
C ALA B 120 -29.52 -18.57 8.03
N ALA B 121 -30.22 -17.75 7.24
CA ALA B 121 -31.68 -17.74 7.28
C ALA B 121 -32.30 -18.56 6.13
N GLU B 122 -31.45 -19.19 5.33
CA GLU B 122 -31.94 -20.05 4.26
C GLU B 122 -31.69 -21.52 4.60
N LYS B 123 -31.11 -21.76 5.77
CA LYS B 123 -31.00 -23.10 6.31
C LYS B 123 -32.23 -23.38 7.16
N ARG B 124 -32.21 -24.46 7.93
CA ARG B 124 -33.28 -24.74 8.89
C ARG B 124 -32.73 -25.28 10.19
N TRP B 125 -33.40 -24.98 11.29
CA TRP B 125 -32.92 -25.33 12.63
C TRP B 125 -34.08 -25.84 13.49
N ASP B 126 -33.84 -25.99 14.79
CA ASP B 126 -34.92 -26.40 15.71
C ASP B 126 -34.84 -25.75 17.10
N ARG B 127 -33.68 -25.20 17.45
CA ARG B 127 -33.56 -24.44 18.69
C ARG B 127 -33.45 -22.95 18.38
N VAL B 128 -33.92 -22.11 19.30
N VAL B 128 -33.89 -22.08 19.23
CA VAL B 128 -33.84 -20.67 19.12
CA VAL B 128 -33.74 -20.64 19.17
C VAL B 128 -33.43 -19.95 20.40
C VAL B 128 -33.33 -20.07 20.52
N LYS B 129 -32.14 -19.62 20.47
CA LYS B 129 -31.60 -18.68 21.47
C LYS B 129 -31.96 -17.20 21.51
N ILE B 130 -32.81 -16.79 22.46
CA ILE B 130 -33.18 -15.38 22.55
C ILE B 130 -32.38 -14.68 23.64
N VAL B 131 -31.76 -13.55 23.28
CA VAL B 131 -30.99 -12.76 24.23
C VAL B 131 -31.56 -11.36 24.36
N CYS B 132 -31.99 -11.00 25.57
CA CYS B 132 -32.50 -9.65 25.82
C CYS B 132 -31.56 -8.87 26.73
N SER B 133 -31.31 -7.62 26.38
CA SER B 133 -30.36 -6.79 27.12
C SER B 133 -31.09 -5.57 27.67
N GLN B 134 -30.56 -5.02 28.76
CA GLN B 134 -31.13 -3.83 29.36
C GLN B 134 -30.18 -3.25 30.41
N PRO B 135 -29.21 -2.46 29.97
CA PRO B 135 -28.16 -1.91 30.82
C PRO B 135 -28.51 -0.54 31.38
N TYR B 136 -29.69 -0.04 31.06
CA TYR B 136 -30.01 1.35 31.38
C TYR B 136 -30.89 1.44 32.62
N SER B 137 -31.09 0.31 33.29
CA SER B 137 -31.97 0.27 34.46
C SER B 137 -31.63 -0.82 35.48
N LYS B 138 -32.05 -0.58 36.71
CA LYS B 138 -32.20 -1.62 37.71
C LYS B 138 -33.59 -1.42 38.32
N ASP B 139 -34.46 -2.40 38.10
CA ASP B 139 -35.89 -2.31 38.41
C ASP B 139 -36.67 -2.43 37.11
N SER B 140 -37.75 -3.18 37.15
CA SER B 140 -38.29 -3.81 35.96
C SER B 140 -37.19 -4.73 35.43
N PRO B 141 -37.27 -6.03 35.77
CA PRO B 141 -36.20 -6.98 35.42
C PRO B 141 -36.14 -7.28 33.92
N PHE B 142 -36.61 -6.33 33.10
CA PHE B 142 -36.64 -6.47 31.65
C PHE B 142 -36.97 -7.88 31.15
N GLY B 143 -37.18 -8.02 29.85
CA GLY B 143 -37.54 -9.29 29.27
C GLY B 143 -38.47 -9.13 28.08
N LEU B 144 -39.40 -10.07 27.93
CA LEU B 144 -40.28 -10.09 26.76
C LEU B 144 -41.72 -10.33 27.16
N SER B 145 -42.64 -9.71 26.43
CA SER B 145 -44.04 -10.02 26.54
C SER B 145 -44.28 -11.34 25.81
N PHE B 146 -43.66 -11.48 24.64
CA PHE B 146 -43.80 -12.69 23.84
C PHE B 146 -42.76 -12.77 22.71
N VAL B 147 -42.82 -13.87 21.97
CA VAL B 147 -42.02 -14.05 20.77
C VAL B 147 -42.74 -15.01 19.83
N ARG B 148 -42.53 -14.85 18.52
CA ARG B 148 -43.16 -15.73 17.54
C ARG B 148 -42.28 -15.92 16.32
N PHE B 149 -42.22 -17.15 15.83
CA PHE B 149 -41.48 -17.46 14.61
C PHE B 149 -42.44 -18.01 13.56
N HIS B 150 -42.19 -17.68 12.29
CA HIS B 150 -43.05 -18.13 11.20
C HIS B 150 -42.28 -18.86 10.10
N SER B 151 -43.01 -19.39 9.13
CA SER B 151 -42.40 -20.10 8.00
C SER B 151 -42.91 -19.52 6.69
N PRO B 152 -42.38 -19.99 5.55
CA PRO B 152 -42.84 -19.52 4.24
C PRO B 152 -44.26 -19.98 3.94
N ASP C 2 -23.20 3.40 -13.62
CA ASP C 2 -22.89 2.03 -13.27
C ASP C 2 -21.92 2.00 -12.09
N ASP C 3 -21.26 0.86 -11.88
CA ASP C 3 -20.42 0.70 -10.71
C ASP C 3 -19.23 1.62 -10.68
N THR C 4 -18.92 2.10 -9.49
CA THR C 4 -17.85 3.06 -9.34
C THR C 4 -16.53 2.48 -9.78
N SER C 5 -16.29 1.23 -9.42
CA SER C 5 -15.06 0.56 -9.79
C SER C 5 -15.08 0.37 -11.28
N SER C 6 -16.25 0.25 -11.83
CA SER C 6 -16.28 0.04 -13.25
C SER C 6 -15.82 1.30 -13.92
N SER C 7 -16.25 2.44 -13.40
CA SER C 7 -15.83 3.75 -13.91
C SER C 7 -14.37 3.93 -13.72
N ILE C 8 -13.89 3.49 -12.58
CA ILE C 8 -12.49 3.61 -12.27
C ILE C 8 -11.69 2.73 -13.16
N ASN C 9 -12.07 1.48 -13.28
CA ASN C 9 -11.28 0.58 -14.09
C ASN C 9 -11.04 1.16 -15.48
N PHE C 10 -12.02 1.91 -15.97
CA PHE C 10 -11.94 2.55 -17.29
C PHE C 10 -10.87 3.63 -17.34
N LEU C 11 -10.92 4.56 -16.40
CA LEU C 11 -10.01 5.70 -16.40
C LEU C 11 -8.54 5.27 -16.36
N THR C 12 -8.26 4.19 -15.65
CA THR C 12 -6.90 3.70 -15.50
C THR C 12 -6.26 3.39 -16.84
N ARG C 13 -7.09 3.04 -17.82
CA ARG C 13 -6.61 2.63 -19.13
C ARG C 13 -5.97 3.80 -19.88
N VAL C 14 -6.31 5.02 -19.49
CA VAL C 14 -5.62 6.20 -19.99
C VAL C 14 -4.22 6.19 -19.40
N THR C 15 -3.21 6.48 -20.22
CA THR C 15 -1.85 6.54 -19.74
C THR C 15 -1.69 7.70 -18.75
N GLY C 16 -1.07 7.42 -17.61
CA GLY C 16 -0.80 8.45 -16.62
C GLY C 16 -1.87 8.61 -15.56
N ILE C 17 -2.93 7.81 -15.66
CA ILE C 17 -4.00 7.87 -14.67
C ILE C 17 -4.02 6.62 -13.79
N GLY C 18 -3.23 6.66 -12.71
CA GLY C 18 -3.23 5.60 -11.72
C GLY C 18 -4.53 5.62 -10.92
N PRO C 19 -4.69 4.62 -10.03
CA PRO C 19 -5.91 4.44 -9.23
C PRO C 19 -6.23 5.63 -8.33
N SER C 20 -5.20 6.24 -7.76
N SER C 20 -5.20 6.25 -7.77
CA SER C 20 -5.40 7.41 -6.90
CA SER C 20 -5.38 7.41 -6.91
C SER C 20 -6.02 8.54 -7.71
C SER C 20 -5.99 8.56 -7.69
N ALA C 21 -5.34 8.93 -8.79
CA ALA C 21 -5.81 10.02 -9.63
C ALA C 21 -7.14 9.66 -10.26
N ALA C 22 -7.39 8.36 -10.39
CA ALA C 22 -8.61 7.85 -11.03
C ALA C 22 -9.82 8.02 -10.13
N ARG C 23 -9.62 7.90 -8.82
CA ARG C 23 -10.71 8.08 -7.87
C ARG C 23 -11.09 9.55 -7.71
N LYS C 24 -10.10 10.43 -7.82
CA LYS C 24 -10.33 11.86 -7.71
C LYS C 24 -11.11 12.40 -8.92
N LEU C 25 -10.97 11.75 -10.07
CA LEU C 25 -11.72 12.12 -11.24
C LEU C 25 -13.17 11.65 -11.15
N VAL C 26 -13.37 10.53 -10.45
CA VAL C 26 -14.71 9.99 -10.26
C VAL C 26 -15.54 10.93 -9.38
N ASP C 27 -15.02 11.23 -8.20
CA ASP C 27 -15.69 12.13 -7.27
C ASP C 27 -16.11 13.43 -7.94
N GLU C 28 -15.26 13.94 -8.83
CA GLU C 28 -15.56 15.19 -9.51
C GLU C 28 -16.46 14.93 -10.71
N GLY C 29 -16.97 13.71 -10.82
CA GLY C 29 -17.98 13.38 -11.82
C GLY C 29 -17.42 12.84 -13.13
N ILE C 30 -16.10 12.75 -13.22
CA ILE C 30 -15.47 12.33 -14.45
C ILE C 30 -15.33 10.81 -14.51
N LYS C 31 -16.35 10.15 -15.03
CA LYS C 31 -16.38 8.69 -15.09
C LYS C 31 -15.95 8.17 -16.46
N THR C 32 -16.29 8.92 -17.50
CA THR C 32 -16.08 8.44 -18.87
C THR C 32 -15.06 9.25 -19.65
N LEU C 33 -14.70 8.73 -20.82
CA LEU C 33 -13.80 9.41 -21.73
C LEU C 33 -14.43 10.71 -22.22
N GLU C 34 -15.71 10.64 -22.57
CA GLU C 34 -16.46 11.82 -22.97
C GLU C 34 -16.32 12.92 -21.91
N ASP C 35 -16.36 12.52 -20.64
CA ASP C 35 -16.20 13.46 -19.52
C ASP C 35 -14.76 13.98 -19.44
N LEU C 36 -13.79 13.07 -19.58
CA LEU C 36 -12.38 13.45 -19.48
C LEU C 36 -12.00 14.50 -20.51
N ARG C 37 -12.56 14.36 -21.71
CA ARG C 37 -12.19 15.26 -22.81
C ARG C 37 -12.75 16.66 -22.60
N LYS C 38 -13.67 16.81 -21.65
CA LYS C 38 -14.24 18.11 -21.30
C LYS C 38 -13.55 18.72 -20.08
N ASN C 39 -12.59 17.99 -19.51
CA ASN C 39 -11.99 18.39 -18.25
C ASN C 39 -10.47 18.27 -18.22
N GLU C 40 -9.81 18.69 -19.28
CA GLU C 40 -8.36 18.51 -19.38
C GLU C 40 -7.60 19.28 -18.31
N ASP C 41 -8.18 20.38 -17.83
CA ASP C 41 -7.52 21.18 -16.81
C ASP C 41 -7.36 20.37 -15.52
N LYS C 42 -8.17 19.33 -15.36
CA LYS C 42 -8.15 18.51 -14.16
C LYS C 42 -7.13 17.37 -14.27
N LEU C 43 -6.41 17.35 -15.38
CA LEU C 43 -5.38 16.36 -15.62
C LEU C 43 -4.04 17.04 -15.73
N ASN C 44 -2.98 16.33 -15.33
CA ASN C 44 -1.63 16.83 -15.55
C ASN C 44 -1.24 16.57 -16.99
N HIS C 45 -0.10 17.08 -17.42
CA HIS C 45 0.31 16.94 -18.81
C HIS C 45 0.29 15.48 -19.25
N HIS C 46 1.10 14.67 -18.58
CA HIS C 46 1.16 13.23 -18.83
C HIS C 46 -0.19 12.68 -19.23
N GLN C 47 -1.19 12.92 -18.38
CA GLN C 47 -2.53 12.41 -18.59
C GLN C 47 -3.21 13.11 -19.75
N ARG C 48 -3.03 14.44 -19.81
CA ARG C 48 -3.66 15.25 -20.83
C ARG C 48 -3.30 14.71 -22.21
N ILE C 49 -2.04 14.31 -22.37
CA ILE C 49 -1.56 13.79 -23.63
C ILE C 49 -1.90 12.32 -23.81
N GLY C 50 -1.77 11.55 -22.73
CA GLY C 50 -2.19 10.16 -22.78
C GLY C 50 -3.63 10.02 -23.25
N LEU C 51 -4.45 11.01 -22.93
CA LEU C 51 -5.86 10.98 -23.33
C LEU C 51 -6.00 11.42 -24.79
N LYS C 52 -5.15 12.37 -25.19
CA LYS C 52 -5.09 12.84 -26.54
C LYS C 52 -4.93 11.66 -27.51
N TYR C 53 -4.04 10.73 -27.18
CA TYR C 53 -3.76 9.61 -28.09
C TYR C 53 -4.42 8.31 -27.63
N PHE C 54 -5.44 8.43 -26.77
CA PHE C 54 -6.10 7.26 -26.21
C PHE C 54 -6.34 6.17 -27.25
N GLU C 55 -6.92 6.56 -28.40
CA GLU C 55 -7.26 5.58 -29.44
C GLU C 55 -6.02 4.92 -30.03
N ASP C 56 -5.04 5.73 -30.40
CA ASP C 56 -3.82 5.22 -31.03
C ASP C 56 -2.98 4.33 -30.12
N PHE C 57 -3.06 4.55 -28.81
CA PHE C 57 -2.26 3.77 -27.87
C PHE C 57 -2.89 2.41 -27.51
N GLU C 58 -4.13 2.19 -27.92
CA GLU C 58 -4.79 0.92 -27.60
C GLU C 58 -4.60 -0.10 -28.72
N LYS C 59 -4.18 0.39 -29.88
CA LYS C 59 -3.90 -0.48 -31.02
C LYS C 59 -2.57 -1.20 -30.84
N ARG C 60 -2.44 -2.36 -31.49
CA ARG C 60 -1.17 -3.11 -31.47
C ARG C 60 -0.24 -2.60 -32.57
N ILE C 61 1.05 -2.86 -32.41
CA ILE C 61 2.05 -2.37 -33.35
C ILE C 61 2.65 -3.50 -34.16
N PRO C 62 2.41 -3.51 -35.48
CA PRO C 62 2.95 -4.57 -36.32
C PRO C 62 4.47 -4.55 -36.29
N ARG C 63 5.08 -5.73 -36.45
CA ARG C 63 6.53 -5.85 -36.36
C ARG C 63 7.22 -5.07 -37.48
N GLU C 64 6.57 -4.97 -38.62
CA GLU C 64 7.11 -4.18 -39.72
C GLU C 64 7.32 -2.75 -39.26
N GLU C 65 6.34 -2.23 -38.54
CA GLU C 65 6.44 -0.86 -38.04
C GLU C 65 7.49 -0.78 -36.94
N MET C 66 7.47 -1.76 -36.06
CA MET C 66 8.49 -1.84 -35.04
C MET C 66 9.84 -1.67 -35.73
N LEU C 67 10.13 -2.51 -36.72
CA LEU C 67 11.42 -2.44 -37.41
C LEU C 67 11.70 -1.03 -37.91
N GLN C 68 10.75 -0.42 -38.62
CA GLN C 68 10.96 0.91 -39.15
C GLN C 68 11.32 1.86 -38.02
N MET C 69 10.57 1.73 -36.92
CA MET C 69 10.80 2.52 -35.74
C MET C 69 12.22 2.26 -35.21
N GLN C 70 12.57 0.99 -35.06
CA GLN C 70 13.88 0.65 -34.53
C GLN C 70 14.96 1.35 -35.32
N ASP C 71 14.80 1.39 -36.64
CA ASP C 71 15.83 1.93 -37.50
C ASP C 71 16.02 3.41 -37.26
N ILE C 72 14.91 4.14 -37.21
CA ILE C 72 14.99 5.58 -36.98
C ILE C 72 15.79 5.83 -35.71
N VAL C 73 15.39 5.14 -34.64
CA VAL C 73 16.02 5.34 -33.34
C VAL C 73 17.50 4.99 -33.39
N LEU C 74 17.80 3.75 -33.77
CA LEU C 74 19.17 3.26 -33.77
C LEU C 74 20.10 4.08 -34.66
N ASN C 75 19.55 4.68 -35.71
CA ASN C 75 20.37 5.50 -36.61
C ASN C 75 20.83 6.79 -35.95
N GLU C 76 19.86 7.61 -35.57
CA GLU C 76 20.14 8.88 -34.92
C GLU C 76 21.09 8.69 -33.75
N VAL C 77 20.89 7.61 -33.01
CA VAL C 77 21.70 7.35 -31.83
C VAL C 77 23.13 7.01 -32.23
N LYS C 78 23.29 6.33 -33.37
CA LYS C 78 24.60 5.97 -33.88
C LYS C 78 25.31 7.20 -34.42
N LYS C 79 24.56 8.06 -35.12
CA LYS C 79 25.12 9.25 -35.73
C LYS C 79 25.48 10.27 -34.67
N LEU C 80 24.75 10.25 -33.57
CA LEU C 80 24.99 11.20 -32.49
C LEU C 80 26.32 10.89 -31.82
N ASP C 81 26.46 9.66 -31.34
CA ASP C 81 27.68 9.18 -30.72
C ASP C 81 27.68 7.67 -30.90
N PRO C 82 28.73 7.13 -31.50
CA PRO C 82 28.71 5.75 -31.96
C PRO C 82 28.90 4.78 -30.79
N GLU C 83 29.46 5.30 -29.69
CA GLU C 83 29.67 4.51 -28.49
C GLU C 83 28.35 4.19 -27.78
N TYR C 84 27.29 4.87 -28.19
CA TYR C 84 25.94 4.58 -27.69
C TYR C 84 25.58 3.13 -27.95
N ILE C 85 24.73 2.58 -27.09
CA ILE C 85 24.17 1.25 -27.30
C ILE C 85 22.69 1.24 -26.99
N ALA C 86 21.86 1.09 -28.01
CA ALA C 86 20.41 1.06 -27.83
C ALA C 86 19.81 -0.26 -28.30
N THR C 87 19.06 -0.91 -27.41
CA THR C 87 18.44 -2.20 -27.72
C THR C 87 16.93 -2.17 -27.48
N VAL C 88 16.14 -2.15 -28.54
CA VAL C 88 14.69 -2.28 -28.41
C VAL C 88 14.42 -3.63 -27.78
N CYS C 89 13.59 -3.63 -26.74
CA CYS C 89 13.33 -4.86 -25.98
C CYS C 89 11.89 -5.30 -26.08
N GLY C 90 11.38 -5.91 -25.01
CA GLY C 90 10.00 -6.39 -24.97
C GLY C 90 9.69 -7.46 -25.99
N SER C 91 8.41 -7.81 -26.10
CA SER C 91 7.94 -8.87 -26.98
C SER C 91 8.62 -8.79 -28.35
N PHE C 92 8.91 -7.58 -28.80
CA PHE C 92 9.56 -7.41 -30.09
C PHE C 92 10.86 -8.19 -30.12
N ARG C 93 11.67 -8.05 -29.08
CA ARG C 93 12.95 -8.76 -29.03
C ARG C 93 12.75 -10.27 -29.03
N ARG C 94 11.63 -10.73 -28.50
CA ARG C 94 11.32 -12.16 -28.50
C ARG C 94 10.69 -12.62 -29.83
N GLY C 95 10.71 -11.74 -30.83
CA GLY C 95 10.18 -12.09 -32.15
C GLY C 95 8.67 -12.20 -32.21
N ALA C 96 7.97 -11.31 -31.50
CA ALA C 96 6.53 -11.30 -31.55
C ALA C 96 6.12 -10.58 -32.81
N GLU C 97 5.04 -11.02 -33.44
CA GLU C 97 4.58 -10.41 -34.69
C GLU C 97 4.11 -8.99 -34.47
N SER C 98 3.65 -8.72 -33.25
CA SER C 98 3.20 -7.37 -32.89
C SER C 98 3.64 -7.01 -31.47
N SER C 99 3.72 -5.72 -31.20
CA SER C 99 4.07 -5.24 -29.88
C SER C 99 2.89 -4.47 -29.31
N GLY C 100 3.04 -4.02 -28.07
CA GLY C 100 2.08 -3.09 -27.47
C GLY C 100 2.69 -1.72 -27.40
N ASP C 101 4.01 -1.67 -27.38
CA ASP C 101 4.75 -0.41 -27.34
C ASP C 101 6.25 -0.68 -27.54
N MET C 102 6.99 0.36 -27.93
CA MET C 102 8.41 0.23 -28.17
C MET C 102 9.20 0.57 -26.92
N ASP C 103 9.92 -0.43 -26.39
CA ASP C 103 10.67 -0.28 -25.16
C ASP C 103 12.16 -0.24 -25.49
N VAL C 104 12.72 0.96 -25.57
CA VAL C 104 14.14 1.13 -25.88
C VAL C 104 15.00 1.22 -24.61
N LEU C 105 16.14 0.54 -24.59
CA LEU C 105 17.09 0.72 -23.49
C LEU C 105 18.38 1.34 -24.02
N LEU C 106 18.90 2.33 -23.32
CA LEU C 106 20.04 3.11 -23.80
C LEU C 106 21.18 3.05 -22.81
N THR C 107 22.41 3.11 -23.31
CA THR C 107 23.58 3.11 -22.45
C THR C 107 24.81 3.66 -23.17
N HIS C 108 25.84 3.94 -22.39
CA HIS C 108 27.06 4.56 -22.90
C HIS C 108 28.21 4.20 -21.98
N PRO C 109 29.37 3.86 -22.55
CA PRO C 109 30.53 3.48 -21.76
C PRO C 109 30.87 4.51 -20.70
N ASN C 110 30.68 5.79 -21.01
CA ASN C 110 31.11 6.86 -20.11
C ASN C 110 30.21 6.98 -18.89
N PHE C 111 29.07 6.30 -18.93
CA PHE C 111 28.08 6.36 -17.85
C PHE C 111 27.98 5.02 -17.12
N THR C 112 28.68 4.89 -16.00
CA THR C 112 28.59 3.70 -15.16
C THR C 112 27.82 4.01 -13.88
N SER C 113 27.59 3.00 -13.06
CA SER C 113 26.88 3.19 -11.81
C SER C 113 27.74 3.90 -10.76
N GLU C 114 29.07 3.86 -10.95
CA GLU C 114 29.99 4.55 -10.05
C GLU C 114 30.21 5.99 -10.50
N SER C 115 29.89 6.27 -11.76
CA SER C 115 30.09 7.61 -12.34
C SER C 115 28.96 8.56 -11.99
N SER C 116 28.99 9.75 -12.57
CA SER C 116 27.99 10.77 -12.30
C SER C 116 26.74 10.59 -13.15
N LYS C 117 25.58 10.80 -12.53
CA LYS C 117 24.32 10.86 -13.24
C LYS C 117 24.49 11.73 -14.47
N GLN C 118 24.02 11.28 -15.63
CA GLN C 118 24.22 12.03 -16.86
C GLN C 118 22.98 12.09 -17.74
N PRO C 119 21.94 12.77 -17.24
CA PRO C 119 20.68 12.93 -17.96
C PRO C 119 20.87 13.38 -19.41
N LYS C 120 21.93 14.13 -19.67
CA LYS C 120 22.14 14.73 -20.99
C LYS C 120 22.51 13.65 -22.01
N LEU C 121 22.91 12.49 -21.52
CA LEU C 121 23.17 11.35 -22.40
C LEU C 121 21.85 10.87 -22.99
N LEU C 122 20.80 10.94 -22.18
CA LEU C 122 19.48 10.54 -22.61
C LEU C 122 18.76 11.68 -23.33
N HIS C 123 18.95 12.91 -22.84
CA HIS C 123 18.29 14.06 -23.43
C HIS C 123 18.84 14.39 -24.81
N ARG C 124 20.15 14.18 -25.00
CA ARG C 124 20.78 14.41 -26.29
C ARG C 124 20.13 13.53 -27.36
N VAL C 125 19.82 12.30 -26.97
CA VAL C 125 19.12 11.37 -27.84
C VAL C 125 17.67 11.78 -28.03
N VAL C 126 17.07 12.31 -26.97
CA VAL C 126 15.67 12.67 -26.97
C VAL C 126 15.41 13.88 -27.87
N GLU C 127 16.26 14.90 -27.74
CA GLU C 127 16.06 16.15 -28.48
C GLU C 127 16.35 15.97 -29.96
N GLN C 128 17.22 15.01 -30.30
CA GLN C 128 17.50 14.70 -31.69
C GLN C 128 16.28 14.04 -32.32
N LEU C 129 15.74 13.04 -31.65
CA LEU C 129 14.53 12.37 -32.13
C LEU C 129 13.40 13.38 -32.28
N GLN C 130 13.52 14.51 -31.59
CA GLN C 130 12.54 15.57 -31.73
C GLN C 130 12.80 16.32 -33.04
N LYS C 131 14.06 16.65 -33.31
CA LYS C 131 14.43 17.30 -34.56
C LYS C 131 13.87 16.51 -35.74
N VAL C 132 14.31 15.27 -35.89
CA VAL C 132 13.93 14.43 -37.02
C VAL C 132 12.44 14.08 -37.00
N ARG C 133 11.70 14.73 -36.11
CA ARG C 133 10.24 14.57 -36.04
C ARG C 133 9.82 13.10 -35.88
N PHE C 134 10.49 12.38 -35.00
CA PHE C 134 10.11 11.01 -34.68
C PHE C 134 9.28 10.99 -33.41
N ILE C 135 9.77 11.69 -32.38
CA ILE C 135 9.03 11.85 -31.14
C ILE C 135 8.09 13.04 -31.29
N THR C 136 6.80 12.77 -31.39
CA THR C 136 5.80 13.81 -31.59
C THR C 136 5.51 14.56 -30.29
N ASP C 137 5.39 13.83 -29.19
CA ASP C 137 5.07 14.44 -27.90
C ASP C 137 5.82 13.79 -26.74
N THR C 138 5.86 14.51 -25.62
CA THR C 138 6.44 14.01 -24.37
C THR C 138 5.34 13.73 -23.34
N LEU C 139 5.51 12.65 -22.57
CA LEU C 139 4.64 12.36 -21.44
C LEU C 139 5.37 12.70 -20.15
N SER C 140 6.64 12.31 -20.09
CA SER C 140 7.45 12.55 -18.92
C SER C 140 8.93 12.51 -19.29
N LYS C 141 9.59 13.66 -19.27
CA LYS C 141 11.02 13.73 -19.56
C LYS C 141 11.81 13.53 -18.28
N GLY C 142 12.12 12.27 -17.96
CA GLY C 142 12.85 11.97 -16.73
C GLY C 142 14.36 12.05 -16.87
N GLU C 143 15.05 11.86 -15.75
CA GLU C 143 16.51 11.88 -15.76
C GLU C 143 17.08 10.57 -16.30
N THR C 144 16.37 9.48 -16.06
CA THR C 144 16.85 8.16 -16.45
C THR C 144 15.90 7.47 -17.43
N LYS C 145 14.62 7.83 -17.37
CA LYS C 145 13.65 7.27 -18.31
C LYS C 145 12.86 8.37 -19.00
N PHE C 146 12.78 8.28 -20.32
CA PHE C 146 11.89 9.15 -21.08
C PHE C 146 10.63 8.38 -21.34
N MET C 147 9.49 9.03 -21.16
CA MET C 147 8.21 8.46 -21.56
C MET C 147 7.58 9.43 -22.55
N GLY C 148 7.10 8.94 -23.68
CA GLY C 148 6.56 9.85 -24.68
C GLY C 148 5.89 9.21 -25.88
N VAL C 149 5.61 10.03 -26.88
CA VAL C 149 4.93 9.56 -28.09
C VAL C 149 5.77 9.76 -29.35
N CYS C 150 5.64 8.85 -30.29
CA CYS C 150 6.34 8.97 -31.56
C CYS C 150 5.45 8.46 -32.69
N GLN C 151 5.85 8.75 -33.92
CA GLN C 151 5.09 8.32 -35.07
C GLN C 151 6.00 8.07 -36.25
N LEU C 152 5.71 7.04 -37.02
CA LEU C 152 6.47 6.78 -38.24
C LEU C 152 6.12 7.83 -39.29
N PRO C 153 7.09 8.26 -40.08
CA PRO C 153 6.82 9.26 -41.10
C PRO C 153 5.93 8.76 -42.21
N SER C 154 5.09 9.66 -42.69
CA SER C 154 4.21 9.41 -43.80
C SER C 154 4.25 10.50 -44.85
N GLU C 155 5.22 10.50 -45.74
CA GLU C 155 5.26 11.60 -46.67
C GLU C 155 3.98 11.53 -47.51
N ASN C 156 3.55 12.72 -47.91
CA ASN C 156 2.25 13.31 -48.02
C ASN C 156 1.34 12.68 -49.01
N ASP C 157 0.06 12.78 -48.72
CA ASP C 157 -0.95 12.17 -49.55
C ASP C 157 -1.01 10.78 -49.05
N GLU C 158 -0.21 10.54 -48.04
CA GLU C 158 -0.13 9.25 -47.44
C GLU C 158 -0.83 9.27 -46.12
N ASN C 159 -1.74 8.33 -45.95
CA ASN C 159 -2.53 8.24 -44.72
C ASN C 159 -1.66 7.92 -43.51
N GLU C 160 -1.65 8.85 -42.56
CA GLU C 160 -0.68 8.84 -41.47
C GLU C 160 -0.73 7.59 -40.61
N TYR C 161 0.45 7.21 -40.07
CA TYR C 161 0.56 6.09 -39.15
C TYR C 161 -0.06 6.47 -37.80
N PRO C 162 -0.55 5.47 -37.06
CA PRO C 162 -1.02 5.71 -35.69
C PRO C 162 0.13 6.13 -34.78
N HIS C 163 -0.20 6.82 -33.69
CA HIS C 163 0.79 7.28 -32.74
C HIS C 163 1.05 6.16 -31.75
N ARG C 164 2.31 6.02 -31.32
CA ARG C 164 2.74 4.87 -30.55
C ARG C 164 3.45 5.28 -29.28
N ARG C 165 3.29 4.47 -28.23
CA ARG C 165 3.98 4.70 -26.97
C ARG C 165 5.45 4.34 -27.12
N ILE C 166 6.32 5.23 -26.67
CA ILE C 166 7.75 4.95 -26.66
C ILE C 166 8.32 5.14 -25.26
N ASP C 167 9.10 4.17 -24.81
CA ASP C 167 9.87 4.31 -23.58
C ASP C 167 11.34 4.29 -23.96
N ILE C 168 12.12 5.11 -23.30
CA ILE C 168 13.56 5.10 -23.47
C ILE C 168 14.21 5.13 -22.09
N ARG C 169 14.76 4.00 -21.68
N ARG C 169 14.77 4.00 -21.68
CA ARG C 169 15.44 3.92 -20.39
CA ARG C 169 15.44 3.92 -20.40
C ARG C 169 16.95 4.13 -20.56
C ARG C 169 16.95 4.12 -20.56
N LEU C 170 17.51 5.06 -19.80
CA LEU C 170 18.95 5.22 -19.77
C LEU C 170 19.47 4.38 -18.64
N ILE C 171 20.46 3.54 -18.93
CA ILE C 171 21.00 2.60 -17.95
C ILE C 171 22.53 2.57 -17.89
N PRO C 172 23.09 2.46 -16.67
CA PRO C 172 24.53 2.32 -16.56
C PRO C 172 25.04 1.14 -17.38
N LYS C 173 26.21 1.28 -17.98
CA LYS C 173 26.73 0.27 -18.88
C LYS C 173 26.92 -1.04 -18.14
N ASP C 174 27.39 -0.96 -16.91
CA ASP C 174 27.68 -2.15 -16.14
C ASP C 174 26.41 -2.85 -15.65
N GLN C 175 25.25 -2.24 -15.88
CA GLN C 175 23.97 -2.86 -15.52
C GLN C 175 23.09 -3.07 -16.74
N TYR C 176 23.62 -2.74 -17.91
CA TYR C 176 22.85 -2.74 -19.14
C TYR C 176 22.26 -4.09 -19.52
N TYR C 177 23.10 -5.11 -19.63
CA TYR C 177 22.60 -6.42 -20.08
C TYR C 177 21.78 -7.14 -19.01
N CYS C 178 21.78 -6.63 -17.79
CA CYS C 178 20.87 -7.15 -16.78
C CYS C 178 19.51 -6.53 -17.02
N GLY C 179 19.53 -5.27 -17.46
CA GLY C 179 18.30 -4.55 -17.78
C GLY C 179 17.66 -5.13 -19.01
N VAL C 180 18.46 -5.38 -20.03
CA VAL C 180 17.95 -6.00 -21.24
C VAL C 180 17.33 -7.35 -20.91
N LEU C 181 18.05 -8.17 -20.15
CA LEU C 181 17.48 -9.46 -19.74
C LEU C 181 16.07 -9.27 -19.19
N TYR C 182 15.99 -8.46 -18.14
CA TYR C 182 14.75 -8.19 -17.41
C TYR C 182 13.65 -7.57 -18.24
N PHE C 183 13.99 -6.67 -19.15
CA PHE C 183 12.98 -5.97 -19.94
C PHE C 183 12.67 -6.65 -21.28
N THR C 184 13.51 -7.59 -21.70
CA THR C 184 13.16 -8.48 -22.79
C THR C 184 12.28 -9.57 -22.25
N GLY C 185 12.74 -10.11 -21.12
CA GLY C 185 12.25 -11.35 -20.55
C GLY C 185 10.97 -11.88 -21.14
N SER C 186 10.32 -12.73 -20.37
CA SER C 186 8.89 -12.91 -20.41
C SER C 186 8.61 -13.05 -18.94
N ASP C 187 7.55 -12.45 -18.44
CA ASP C 187 7.32 -12.52 -17.00
C ASP C 187 7.73 -13.89 -16.48
N ILE C 188 7.22 -14.92 -17.12
CA ILE C 188 7.40 -16.29 -16.64
C ILE C 188 8.87 -16.75 -16.76
N PHE C 189 9.52 -16.38 -17.86
CA PHE C 189 10.91 -16.74 -18.05
C PHE C 189 11.80 -16.09 -17.01
N ASN C 190 11.59 -14.82 -16.75
CA ASN C 190 12.38 -14.13 -15.76
C ASN C 190 12.17 -14.75 -14.39
N LYS C 191 10.96 -15.22 -14.14
CA LYS C 191 10.63 -15.85 -12.87
C LYS C 191 11.33 -17.20 -12.76
N ASN C 192 11.32 -17.95 -13.85
CA ASN C 192 11.96 -19.26 -13.88
C ASN C 192 13.47 -19.16 -13.81
N MET C 193 14.05 -18.16 -14.46
CA MET C 193 15.49 -18.00 -14.49
C MET C 193 16.02 -17.56 -13.14
N ARG C 194 15.31 -16.62 -12.50
CA ARG C 194 15.69 -16.16 -11.16
C ARG C 194 15.61 -17.28 -10.13
N ALA C 195 14.67 -18.19 -10.32
CA ALA C 195 14.49 -19.30 -9.41
C ALA C 195 15.66 -20.26 -9.51
N HIS C 196 16.10 -20.53 -10.74
CA HIS C 196 17.25 -21.37 -10.98
C HIS C 196 18.51 -20.63 -10.52
N ALA C 197 18.48 -19.30 -10.57
CA ALA C 197 19.58 -18.51 -10.05
C ALA C 197 19.79 -18.93 -8.60
N LEU C 198 18.73 -18.82 -7.81
CA LEU C 198 18.77 -19.17 -6.40
C LEU C 198 19.18 -20.63 -6.16
N GLU C 199 18.82 -21.50 -7.10
CA GLU C 199 19.22 -22.90 -6.98
C GLU C 199 20.73 -22.96 -7.01
N LYS C 200 21.34 -22.39 -8.04
CA LYS C 200 22.79 -22.42 -8.23
C LYS C 200 23.53 -21.45 -7.30
N GLY C 201 22.81 -20.80 -6.39
CA GLY C 201 23.41 -19.90 -5.42
C GLY C 201 23.78 -18.53 -5.99
N PHE C 202 22.84 -17.92 -6.70
CA PHE C 202 23.01 -16.57 -7.24
C PHE C 202 21.70 -15.82 -7.15
N THR C 203 21.76 -14.50 -7.23
CA THR C 203 20.55 -13.68 -7.16
C THR C 203 20.52 -12.63 -8.29
N ILE C 204 19.61 -12.85 -9.22
CA ILE C 204 19.49 -11.97 -10.37
C ILE C 204 18.40 -10.95 -10.08
N ASN C 205 18.57 -9.75 -10.59
CA ASN C 205 17.52 -8.75 -10.49
C ASN C 205 17.64 -7.81 -11.67
N GLU C 206 16.85 -6.75 -11.69
CA GLU C 206 16.85 -5.84 -12.82
C GLU C 206 18.25 -5.33 -13.11
N TYR C 207 19.04 -5.18 -12.06
CA TYR C 207 20.29 -4.42 -12.16
C TYR C 207 21.53 -5.29 -12.22
N THR C 208 21.51 -6.43 -11.53
CA THR C 208 22.75 -7.14 -11.24
C THR C 208 22.53 -8.61 -10.91
N ILE C 209 23.61 -9.38 -11.03
CA ILE C 209 23.63 -10.74 -10.55
C ILE C 209 24.74 -10.87 -9.52
N ARG C 210 24.38 -11.35 -8.34
CA ARG C 210 25.29 -11.41 -7.22
C ARG C 210 25.33 -12.81 -6.62
N PRO C 211 26.54 -13.29 -6.28
CA PRO C 211 26.61 -14.59 -5.61
C PRO C 211 26.03 -14.50 -4.21
N LEU C 212 25.56 -15.62 -3.69
CA LEU C 212 25.01 -15.68 -2.35
C LEU C 212 25.95 -16.42 -1.42
N GLY C 213 26.44 -15.74 -0.40
CA GLY C 213 27.42 -16.30 0.52
C GLY C 213 26.92 -17.48 1.33
N VAL C 214 27.82 -18.09 2.12
CA VAL C 214 27.48 -19.30 2.84
C VAL C 214 26.39 -19.05 3.87
N THR C 215 26.25 -17.81 4.33
CA THR C 215 25.16 -17.46 5.24
C THR C 215 24.02 -16.83 4.47
N GLY C 216 24.24 -16.64 3.17
CA GLY C 216 23.18 -16.18 2.28
C GLY C 216 23.15 -14.68 2.10
N VAL C 217 24.31 -14.04 2.24
CA VAL C 217 24.42 -12.61 2.05
C VAL C 217 24.85 -12.33 0.63
N ALA C 218 24.02 -11.60 -0.10
CA ALA C 218 24.34 -11.23 -1.47
C ALA C 218 25.71 -10.55 -1.57
N GLY C 219 26.55 -11.06 -2.45
CA GLY C 219 27.89 -10.51 -2.66
C GLY C 219 27.93 -9.34 -3.62
N GLU C 220 29.11 -9.09 -4.17
CA GLU C 220 29.32 -7.98 -5.09
C GLU C 220 28.69 -8.28 -6.44
N PRO C 221 28.11 -7.26 -7.09
CA PRO C 221 27.66 -7.41 -8.46
C PRO C 221 28.77 -8.00 -9.31
N LEU C 222 28.45 -9.02 -10.10
CA LEU C 222 29.43 -9.65 -10.95
C LEU C 222 29.47 -8.98 -12.33
N PRO C 223 30.66 -8.90 -12.92
CA PRO C 223 30.84 -8.34 -14.26
C PRO C 223 29.97 -9.00 -15.33
N VAL C 224 29.24 -8.18 -16.08
CA VAL C 224 28.35 -8.66 -17.12
C VAL C 224 28.52 -7.78 -18.33
N ASP C 225 28.97 -8.37 -19.43
CA ASP C 225 29.12 -7.63 -20.67
C ASP C 225 28.24 -8.18 -21.78
N SER C 226 27.31 -9.04 -21.40
CA SER C 226 26.37 -9.63 -22.32
C SER C 226 25.41 -10.51 -21.55
N GLU C 227 24.26 -10.81 -22.15
CA GLU C 227 23.32 -11.74 -21.54
C GLU C 227 23.96 -13.11 -21.31
N GLN C 228 24.85 -13.50 -22.23
N GLN C 228 24.84 -13.52 -22.23
CA GLN C 228 25.52 -14.80 -22.12
CA GLN C 228 25.49 -14.82 -22.10
C GLN C 228 26.23 -14.91 -20.77
C GLN C 228 26.27 -14.92 -20.78
N ASP C 229 26.97 -13.85 -20.42
CA ASP C 229 27.69 -13.81 -19.16
C ASP C 229 26.77 -14.24 -18.02
N ILE C 230 25.55 -13.70 -18.02
CA ILE C 230 24.63 -13.98 -16.93
C ILE C 230 24.29 -15.46 -16.93
N PHE C 231 23.98 -16.00 -18.10
CA PHE C 231 23.65 -17.40 -18.19
C PHE C 231 24.84 -18.19 -17.66
N ASP C 232 26.04 -17.84 -18.11
CA ASP C 232 27.25 -18.57 -17.69
C ASP C 232 27.40 -18.65 -16.17
N TYR C 233 27.31 -17.51 -15.51
CA TYR C 233 27.36 -17.49 -14.05
C TYR C 233 26.50 -18.58 -13.43
N ILE C 234 25.27 -18.74 -13.93
CA ILE C 234 24.34 -19.73 -13.37
C ILE C 234 24.43 -21.06 -14.09
N GLN C 235 25.34 -21.14 -15.06
CA GLN C 235 25.57 -22.36 -15.83
C GLN C 235 24.28 -22.91 -16.40
N TRP C 236 23.53 -22.03 -17.05
CA TRP C 236 22.26 -22.39 -17.66
C TRP C 236 22.44 -22.15 -19.15
N ARG C 237 21.82 -23.00 -19.97
CA ARG C 237 21.96 -22.88 -21.41
C ARG C 237 21.33 -21.58 -21.88
N TYR C 238 22.01 -20.86 -22.76
CA TYR C 238 21.51 -19.58 -23.24
C TYR C 238 20.27 -19.78 -24.12
N ARG C 239 19.15 -19.18 -23.71
CA ARG C 239 17.95 -19.18 -24.52
C ARG C 239 17.92 -17.91 -25.35
N GLU C 240 17.69 -18.06 -26.66
CA GLU C 240 17.51 -16.90 -27.49
C GLU C 240 16.24 -16.22 -27.02
N PRO C 241 16.13 -14.90 -27.25
CA PRO C 241 14.92 -14.20 -26.85
C PRO C 241 13.67 -14.89 -27.40
N LYS C 242 13.77 -15.39 -28.62
N LYS C 242 13.78 -15.40 -28.61
CA LYS C 242 12.66 -16.09 -29.27
CA LYS C 242 12.65 -16.07 -29.25
C LYS C 242 12.15 -17.25 -28.42
C LYS C 242 12.14 -17.26 -28.44
N ASP C 243 13.04 -17.89 -27.68
CA ASP C 243 12.66 -19.05 -26.89
C ASP C 243 12.43 -18.70 -25.44
N ARG C 244 12.18 -17.42 -25.16
CA ARG C 244 11.82 -17.02 -23.79
C ARG C 244 10.32 -16.85 -23.75
N SER C 245 9.66 -17.94 -24.12
CA SER C 245 8.20 -17.99 -24.20
C SER C 245 7.59 -18.27 -22.83
N GLU C 246 6.35 -18.77 -22.84
CA GLU C 246 5.75 -19.38 -21.66
C GLU C 246 5.77 -20.90 -21.84
N HIS C 247 6.81 -21.37 -22.54
CA HIS C 247 7.14 -22.79 -22.61
C HIS C 247 8.59 -22.96 -22.14
N HIS C 248 8.80 -23.64 -21.02
CA HIS C 248 10.12 -23.77 -20.42
C HIS C 248 10.68 -25.17 -20.61
N HIS C 249 12.01 -25.27 -20.68
CA HIS C 249 12.68 -26.57 -20.83
C HIS C 249 13.89 -26.69 -19.92
N THR D 4 16.48 11.65 -2.58
CA THR D 4 15.17 12.09 -3.14
C THR D 4 14.10 12.21 -2.05
N SER D 5 13.91 11.13 -1.29
CA SER D 5 12.83 11.05 -0.30
C SER D 5 12.68 12.33 0.53
N SER D 6 13.78 13.04 0.75
CA SER D 6 13.73 14.30 1.47
C SER D 6 13.09 15.37 0.59
N SER D 7 13.44 15.35 -0.69
CA SER D 7 12.87 16.28 -1.66
C SER D 7 11.46 15.86 -2.05
N ILE D 8 11.11 14.61 -1.71
CA ILE D 8 9.76 14.11 -1.92
C ILE D 8 8.81 14.67 -0.86
N ASN D 9 9.32 14.83 0.35
CA ASN D 9 8.54 15.39 1.45
C ASN D 9 8.22 16.86 1.21
N PHE D 10 8.95 17.47 0.28
CA PHE D 10 8.84 18.90 0.03
C PHE D 10 7.72 19.24 -0.95
N LEU D 11 7.53 18.38 -1.95
CA LEU D 11 6.44 18.57 -2.91
C LEU D 11 5.12 18.14 -2.28
N THR D 12 5.17 17.07 -1.50
CA THR D 12 4.00 16.57 -0.79
C THR D 12 3.36 17.69 0.01
N ARG D 13 4.19 18.56 0.58
CA ARG D 13 3.70 19.65 1.42
C ARG D 13 2.89 20.66 0.63
N VAL D 14 2.88 20.51 -0.69
CA VAL D 14 1.97 21.27 -1.53
C VAL D 14 0.68 20.47 -1.68
N THR D 15 -0.45 21.17 -1.65
CA THR D 15 -1.75 20.52 -1.69
C THR D 15 -2.14 20.08 -3.11
N GLY D 16 -2.59 18.84 -3.23
CA GLY D 16 -2.95 18.26 -4.52
C GLY D 16 -1.83 17.41 -5.11
N ILE D 17 -0.72 17.31 -4.40
CA ILE D 17 0.42 16.50 -4.83
C ILE D 17 0.60 15.27 -3.97
N GLY D 18 -0.05 14.18 -4.35
CA GLY D 18 0.08 12.91 -3.64
C GLY D 18 1.52 12.41 -3.68
N PRO D 19 1.80 11.35 -2.90
CA PRO D 19 3.16 10.83 -2.81
C PRO D 19 3.65 10.31 -4.17
N SER D 20 2.81 9.55 -4.86
N SER D 20 2.81 9.55 -4.86
CA SER D 20 3.14 9.04 -6.17
CA SER D 20 3.14 9.04 -6.18
C SER D 20 3.43 10.20 -7.12
C SER D 20 3.43 10.19 -7.13
N ALA D 21 2.60 11.23 -7.05
CA ALA D 21 2.77 12.42 -7.88
C ALA D 21 4.08 13.13 -7.55
N ALA D 22 4.47 13.11 -6.28
CA ALA D 22 5.68 13.77 -5.85
C ALA D 22 6.90 13.15 -6.51
N ARG D 23 6.96 11.83 -6.52
CA ARG D 23 8.06 11.12 -7.17
C ARG D 23 8.14 11.56 -8.62
N LYS D 24 7.09 11.28 -9.39
CA LYS D 24 7.04 11.62 -10.81
C LYS D 24 7.59 13.02 -11.09
N LEU D 25 7.20 13.99 -10.26
CA LEU D 25 7.69 15.36 -10.41
C LEU D 25 9.20 15.42 -10.24
N VAL D 26 9.73 14.61 -9.34
CA VAL D 26 11.16 14.60 -9.07
C VAL D 26 11.94 14.19 -10.32
N ASP D 27 11.69 12.96 -10.79
CA ASP D 27 12.32 12.46 -11.99
C ASP D 27 12.26 13.48 -13.13
N GLU D 28 11.14 14.17 -13.24
CA GLU D 28 10.93 15.12 -14.33
C GLU D 28 11.72 16.41 -14.13
N GLY D 29 12.70 16.38 -13.23
CA GLY D 29 13.60 17.50 -13.03
C GLY D 29 13.10 18.55 -12.04
N ILE D 30 11.98 18.29 -11.39
CA ILE D 30 11.36 19.25 -10.49
C ILE D 30 11.64 18.88 -9.02
N LYS D 31 12.42 19.71 -8.34
CA LYS D 31 12.79 19.43 -6.95
C LYS D 31 12.33 20.54 -5.98
N THR D 32 12.73 21.77 -6.24
CA THR D 32 12.34 22.89 -5.39
C THR D 32 11.00 23.45 -5.83
N LEU D 33 10.47 24.39 -5.06
CA LEU D 33 9.22 25.05 -5.40
C LEU D 33 9.47 26.05 -6.53
N GLU D 34 10.70 26.52 -6.65
CA GLU D 34 11.06 27.45 -7.71
C GLU D 34 10.78 26.81 -9.05
N ASP D 35 11.25 25.58 -9.22
CA ASP D 35 11.02 24.82 -10.44
C ASP D 35 9.51 24.75 -10.73
N LEU D 36 8.75 24.28 -9.76
CA LEU D 36 7.31 24.06 -9.92
C LEU D 36 6.62 25.23 -10.61
N ARG D 37 6.92 26.44 -10.17
CA ARG D 37 6.19 27.62 -10.64
C ARG D 37 6.42 27.88 -12.13
N LYS D 38 7.49 27.30 -12.68
CA LYS D 38 7.74 27.40 -14.12
C LYS D 38 6.87 26.40 -14.87
N ASN D 39 7.00 25.13 -14.47
CA ASN D 39 6.33 24.04 -15.17
C ASN D 39 4.89 23.85 -14.74
N GLU D 40 4.10 24.92 -14.82
CA GLU D 40 2.76 24.94 -14.24
C GLU D 40 1.75 24.11 -15.02
N ASP D 41 2.07 23.76 -16.26
CA ASP D 41 1.20 22.94 -17.08
C ASP D 41 1.26 21.47 -16.65
N LYS D 42 2.40 21.07 -16.07
CA LYS D 42 2.61 19.69 -15.67
C LYS D 42 1.84 19.34 -14.40
N LEU D 43 1.14 20.32 -13.82
CA LEU D 43 0.27 20.08 -12.68
C LEU D 43 -1.16 20.09 -13.16
N ASN D 44 -2.05 19.45 -12.39
CA ASN D 44 -3.48 19.58 -12.65
C ASN D 44 -3.99 20.83 -11.92
N HIS D 45 -5.28 21.13 -12.09
CA HIS D 45 -5.89 22.32 -11.51
C HIS D 45 -5.70 22.35 -9.99
N HIS D 46 -6.15 21.29 -9.33
CA HIS D 46 -5.97 21.16 -7.90
C HIS D 46 -4.56 21.60 -7.56
N GLN D 47 -3.59 20.86 -8.08
CA GLN D 47 -2.19 21.13 -7.77
C GLN D 47 -1.82 22.56 -8.14
N ARG D 48 -2.35 23.04 -9.26
CA ARG D 48 -2.03 24.37 -9.76
C ARG D 48 -2.40 25.42 -8.72
N ILE D 49 -3.52 25.17 -8.05
CA ILE D 49 -4.04 26.12 -7.08
C ILE D 49 -3.31 26.00 -5.74
N GLY D 50 -3.11 24.76 -5.29
CA GLY D 50 -2.42 24.51 -4.03
C GLY D 50 -1.02 25.10 -4.02
N LEU D 51 -0.43 25.24 -5.21
CA LEU D 51 0.91 25.80 -5.33
C LEU D 51 0.82 27.32 -5.34
N LYS D 52 -0.31 27.82 -5.80
CA LYS D 52 -0.54 29.26 -5.87
C LYS D 52 -0.56 29.86 -4.48
N TYR D 53 -1.23 29.17 -3.56
CA TYR D 53 -1.39 29.68 -2.20
C TYR D 53 -0.56 28.85 -1.22
N PHE D 54 0.66 28.50 -1.62
CA PHE D 54 1.50 27.66 -0.77
C PHE D 54 1.90 28.37 0.51
N GLU D 55 2.18 29.66 0.40
CA GLU D 55 2.60 30.44 1.55
C GLU D 55 1.44 30.57 2.54
N ASP D 56 0.26 30.90 2.02
CA ASP D 56 -0.91 31.12 2.85
C ASP D 56 -1.37 29.84 3.55
N PHE D 57 -1.29 28.73 2.84
CA PHE D 57 -1.81 27.46 3.35
C PHE D 57 -0.95 26.87 4.45
N GLU D 58 0.22 27.46 4.68
CA GLU D 58 1.14 26.97 5.70
C GLU D 58 0.89 27.74 7.00
N LYS D 59 0.51 29.00 6.88
CA LYS D 59 0.18 29.83 8.03
C LYS D 59 -0.99 29.20 8.80
N ARG D 60 -0.92 29.27 10.12
CA ARG D 60 -2.04 28.85 10.95
C ARG D 60 -3.12 29.90 10.90
N ILE D 61 -4.32 29.53 11.34
CA ILE D 61 -5.44 30.45 11.39
C ILE D 61 -5.80 30.75 12.83
N PRO D 62 -5.85 32.05 13.19
CA PRO D 62 -6.25 32.43 14.53
C PRO D 62 -7.73 32.15 14.80
N ARG D 63 -8.07 31.88 16.05
CA ARG D 63 -9.45 31.58 16.40
C ARG D 63 -10.38 32.74 16.04
N GLU D 64 -9.89 33.96 16.21
CA GLU D 64 -10.67 35.13 15.86
C GLU D 64 -11.13 35.05 14.42
N GLU D 65 -10.22 34.64 13.53
CA GLU D 65 -10.56 34.56 12.11
C GLU D 65 -11.46 33.36 11.82
N MET D 66 -11.26 32.27 12.56
CA MET D 66 -12.10 31.08 12.40
C MET D 66 -13.55 31.39 12.73
N LEU D 67 -13.74 32.24 13.73
CA LEU D 67 -15.08 32.64 14.10
C LEU D 67 -15.66 33.47 12.97
N GLN D 68 -14.89 34.44 12.50
CA GLN D 68 -15.32 35.30 11.40
C GLN D 68 -15.65 34.44 10.19
N MET D 69 -14.76 33.52 9.87
CA MET D 69 -14.98 32.60 8.77
C MET D 69 -16.28 31.81 8.97
N GLN D 70 -16.47 31.27 10.17
CA GLN D 70 -17.64 30.46 10.50
C GLN D 70 -18.95 31.21 10.26
N ASP D 71 -19.00 32.46 10.70
CA ASP D 71 -20.23 33.26 10.59
C ASP D 71 -20.67 33.38 9.13
N ILE D 72 -19.72 33.71 8.26
CA ILE D 72 -20.03 33.84 6.85
C ILE D 72 -20.72 32.58 6.36
N VAL D 73 -20.13 31.43 6.66
CA VAL D 73 -20.68 30.16 6.20
C VAL D 73 -22.06 29.89 6.81
N LEU D 74 -22.13 29.91 8.13
CA LEU D 74 -23.37 29.54 8.82
C LEU D 74 -24.55 30.41 8.37
N ASN D 75 -24.34 31.72 8.29
CA ASN D 75 -25.41 32.61 7.86
C ASN D 75 -25.89 32.35 6.42
N GLU D 76 -24.94 32.21 5.49
CA GLU D 76 -25.30 31.89 4.12
C GLU D 76 -26.01 30.55 4.04
N VAL D 77 -25.53 29.60 4.83
CA VAL D 77 -26.13 28.28 4.92
C VAL D 77 -27.55 28.34 5.45
N LYS D 78 -27.78 29.20 6.45
CA LYS D 78 -29.09 29.27 7.10
C LYS D 78 -30.00 30.25 6.37
N LYS D 79 -29.40 31.18 5.63
CA LYS D 79 -30.14 32.10 4.78
C LYS D 79 -30.72 31.34 3.60
N LEU D 80 -30.04 30.27 3.20
CA LEU D 80 -30.41 29.51 2.00
C LEU D 80 -31.58 28.58 2.31
N ASP D 81 -31.43 27.80 3.36
CA ASP D 81 -32.47 26.88 3.83
C ASP D 81 -32.28 26.68 5.33
N PRO D 82 -33.37 26.72 6.09
CA PRO D 82 -33.26 26.76 7.54
C PRO D 82 -32.96 25.38 8.12
N GLU D 83 -33.40 24.35 7.41
CA GLU D 83 -33.25 22.97 7.85
C GLU D 83 -31.81 22.49 7.73
N TYR D 84 -31.00 23.26 7.00
CA TYR D 84 -29.57 22.97 6.92
C TYR D 84 -28.94 22.90 8.29
N ILE D 85 -27.96 22.03 8.46
CA ILE D 85 -27.17 22.01 9.67
C ILE D 85 -25.71 21.91 9.30
N ALA D 86 -24.94 22.94 9.63
CA ALA D 86 -23.52 22.92 9.38
C ALA D 86 -22.76 23.02 10.69
N THR D 87 -21.74 22.19 10.85
CA THR D 87 -20.88 22.26 12.04
C THR D 87 -19.41 22.38 11.66
N VAL D 88 -18.80 23.50 12.04
CA VAL D 88 -17.36 23.65 11.92
C VAL D 88 -16.70 22.79 12.99
N CYS D 89 -16.11 21.69 12.56
CA CYS D 89 -15.51 20.74 13.49
C CYS D 89 -14.00 20.91 13.54
N GLY D 90 -13.29 19.90 14.05
CA GLY D 90 -11.84 19.95 14.17
C GLY D 90 -11.38 20.47 15.52
N SER D 91 -10.08 20.72 15.66
CA SER D 91 -9.57 21.20 16.94
C SER D 91 -10.24 22.55 17.26
N PHE D 92 -10.68 23.26 16.23
CA PHE D 92 -11.44 24.50 16.44
C PHE D 92 -12.58 24.27 17.43
N ARG D 93 -13.35 23.21 17.21
CA ARG D 93 -14.56 22.94 17.97
C ARG D 93 -14.22 22.56 19.41
N ARG D 94 -12.97 22.16 19.63
CA ARG D 94 -12.49 21.87 20.98
C ARG D 94 -11.90 23.12 21.64
N GLY D 95 -12.21 24.29 21.09
CA GLY D 95 -11.71 25.54 21.64
C GLY D 95 -10.22 25.77 21.40
N ALA D 96 -9.74 25.34 20.25
CA ALA D 96 -8.35 25.57 19.90
C ALA D 96 -8.18 27.07 19.65
N GLU D 97 -7.01 27.60 19.98
CA GLU D 97 -6.75 29.02 19.78
C GLU D 97 -6.28 29.29 18.36
N SER D 98 -5.90 28.23 17.66
CA SER D 98 -5.58 28.34 16.24
C SER D 98 -5.93 27.04 15.50
N SER D 99 -6.16 27.16 14.20
CA SER D 99 -6.50 26.02 13.36
C SER D 99 -5.62 25.98 12.11
N GLY D 100 -5.58 24.84 11.44
CA GLY D 100 -4.81 24.69 10.20
C GLY D 100 -5.67 24.89 8.96
N ASP D 101 -6.94 24.51 9.07
CA ASP D 101 -7.89 24.67 7.98
C ASP D 101 -9.31 24.54 8.51
N MET D 102 -10.28 24.92 7.70
CA MET D 102 -11.68 24.91 8.12
C MET D 102 -12.40 23.68 7.58
N ASP D 103 -12.75 22.78 8.49
CA ASP D 103 -13.48 21.58 8.12
C ASP D 103 -14.94 21.76 8.53
N VAL D 104 -15.83 21.75 7.54
CA VAL D 104 -17.25 21.91 7.79
C VAL D 104 -17.98 20.62 7.46
N LEU D 105 -18.94 20.24 8.31
CA LEU D 105 -19.82 19.12 7.98
C LEU D 105 -21.24 19.67 7.77
N LEU D 106 -21.84 19.32 6.62
CA LEU D 106 -23.17 19.78 6.27
C LEU D 106 -24.13 18.60 6.22
N THR D 107 -25.41 18.87 6.43
CA THR D 107 -26.41 17.82 6.34
C THR D 107 -27.79 18.44 6.12
N HIS D 108 -28.76 17.60 5.81
CA HIS D 108 -30.12 18.05 5.57
C HIS D 108 -31.09 16.93 5.88
N PRO D 109 -32.17 17.24 6.59
CA PRO D 109 -33.15 16.23 6.97
C PRO D 109 -33.61 15.41 5.78
N ASN D 110 -33.76 16.05 4.62
CA ASN D 110 -34.27 15.40 3.42
C ASN D 110 -33.28 14.44 2.79
N PHE D 111 -32.08 14.37 3.35
CA PHE D 111 -31.04 13.52 2.77
C PHE D 111 -30.49 12.52 3.77
N THR D 112 -31.09 11.35 3.80
CA THR D 112 -30.61 10.29 4.68
C THR D 112 -29.65 9.42 3.89
N SER D 113 -29.32 8.26 4.45
CA SER D 113 -28.52 7.28 3.74
C SER D 113 -29.45 6.33 3.00
N GLU D 114 -30.74 6.50 3.24
CA GLU D 114 -31.77 5.68 2.61
C GLU D 114 -32.43 6.44 1.45
N SER D 115 -31.76 7.49 1.00
CA SER D 115 -32.34 8.37 -0.01
C SER D 115 -31.41 8.50 -1.21
N SER D 116 -31.96 9.03 -2.30
CA SER D 116 -31.19 9.28 -3.51
C SER D 116 -30.07 10.28 -3.25
N LYS D 117 -29.05 10.25 -4.09
CA LYS D 117 -27.96 11.23 -4.00
C LYS D 117 -28.52 12.62 -4.22
N GLN D 118 -27.95 13.60 -3.53
CA GLN D 118 -28.41 14.99 -3.67
C GLN D 118 -27.25 15.98 -3.63
N PRO D 119 -26.35 15.90 -4.62
CA PRO D 119 -25.19 16.78 -4.63
C PRO D 119 -25.58 18.26 -4.56
N LYS D 120 -26.76 18.59 -5.05
CA LYS D 120 -27.19 19.98 -5.15
C LYS D 120 -27.43 20.60 -3.77
N LEU D 121 -27.50 19.74 -2.75
CA LEU D 121 -27.63 20.21 -1.37
C LEU D 121 -26.31 20.80 -0.93
N LEU D 122 -25.23 20.24 -1.46
CA LEU D 122 -23.90 20.77 -1.23
C LEU D 122 -23.59 21.87 -2.23
N HIS D 123 -23.73 21.58 -3.52
CA HIS D 123 -23.38 22.53 -4.57
C HIS D 123 -24.09 23.87 -4.40
N ARG D 124 -25.36 23.83 -4.03
CA ARG D 124 -26.11 25.06 -3.77
C ARG D 124 -25.35 25.91 -2.74
N VAL D 125 -25.02 25.31 -1.61
CA VAL D 125 -24.32 26.01 -0.56
C VAL D 125 -22.94 26.46 -1.01
N VAL D 126 -22.29 25.61 -1.80
CA VAL D 126 -20.95 25.92 -2.28
C VAL D 126 -21.00 27.07 -3.28
N GLU D 127 -22.00 27.07 -4.15
CA GLU D 127 -22.17 28.12 -5.15
C GLU D 127 -22.52 29.44 -4.50
N GLN D 128 -23.36 29.41 -3.47
CA GLN D 128 -23.76 30.63 -2.78
C GLN D 128 -22.57 31.28 -2.05
N LEU D 129 -21.69 30.47 -1.48
CA LEU D 129 -20.49 30.98 -0.81
C LEU D 129 -19.52 31.60 -1.80
N GLN D 130 -19.76 31.36 -3.09
CA GLN D 130 -18.96 31.97 -4.14
C GLN D 130 -19.53 33.35 -4.45
N LYS D 131 -20.84 33.42 -4.64
CA LYS D 131 -21.48 34.69 -4.93
C LYS D 131 -20.99 35.77 -3.95
N VAL D 132 -21.02 35.45 -2.67
CA VAL D 132 -20.63 36.41 -1.66
C VAL D 132 -19.10 36.47 -1.56
N ARG D 133 -18.43 35.80 -2.50
CA ARG D 133 -16.98 35.91 -2.65
C ARG D 133 -16.23 35.50 -1.38
N PHE D 134 -16.68 34.42 -0.77
CA PHE D 134 -15.97 33.85 0.38
C PHE D 134 -15.02 32.77 -0.12
N ILE D 135 -15.53 31.88 -0.96
CA ILE D 135 -14.69 30.90 -1.63
C ILE D 135 -14.05 31.53 -2.86
N THR D 136 -12.72 31.50 -2.89
CA THR D 136 -11.94 32.17 -3.93
C THR D 136 -11.55 31.21 -5.06
N ASP D 137 -11.27 29.96 -4.71
CA ASP D 137 -10.93 28.95 -5.70
C ASP D 137 -11.40 27.56 -5.32
N THR D 138 -11.59 26.70 -6.32
CA THR D 138 -11.97 25.31 -6.10
C THR D 138 -10.78 24.36 -6.29
N LEU D 139 -10.60 23.46 -5.34
CA LEU D 139 -9.58 22.43 -5.45
C LEU D 139 -10.18 21.20 -6.06
N SER D 140 -11.28 20.74 -5.46
CA SER D 140 -12.02 19.59 -5.95
C SER D 140 -13.46 19.76 -5.55
N LYS D 141 -14.37 19.61 -6.50
CA LYS D 141 -15.78 19.77 -6.21
C LYS D 141 -16.48 18.42 -6.32
N GLY D 142 -16.28 17.57 -5.32
CA GLY D 142 -16.90 16.25 -5.31
C GLY D 142 -18.41 16.33 -5.17
N GLU D 143 -19.07 15.17 -5.25
CA GLU D 143 -20.51 15.11 -5.05
C GLU D 143 -20.81 15.32 -3.58
N THR D 144 -20.07 14.63 -2.73
CA THR D 144 -20.30 14.67 -1.29
C THR D 144 -19.35 15.62 -0.58
N LYS D 145 -18.17 15.84 -1.15
CA LYS D 145 -17.18 16.69 -0.50
C LYS D 145 -16.68 17.80 -1.43
N PHE D 146 -16.59 19.01 -0.89
CA PHE D 146 -16.00 20.13 -1.61
C PHE D 146 -14.69 20.58 -0.99
N MET D 147 -13.59 20.36 -1.70
CA MET D 147 -12.32 20.90 -1.27
C MET D 147 -12.08 22.22 -1.98
N GLY D 148 -11.68 23.25 -1.24
CA GLY D 148 -11.49 24.56 -1.84
C GLY D 148 -10.75 25.60 -1.02
N VAL D 149 -10.78 26.83 -1.54
CA VAL D 149 -10.09 27.96 -0.93
C VAL D 149 -11.10 29.08 -0.64
N CYS D 150 -10.89 29.79 0.47
CA CYS D 150 -11.75 30.92 0.82
C CYS D 150 -10.94 32.02 1.48
N GLN D 151 -11.47 33.24 1.46
CA GLN D 151 -10.79 34.38 2.05
C GLN D 151 -11.76 35.28 2.80
N LEU D 152 -11.28 35.89 3.87
CA LEU D 152 -12.09 36.82 4.63
C LEU D 152 -12.15 38.15 3.91
N PRO D 153 -13.31 38.81 3.97
CA PRO D 153 -13.38 40.18 3.45
C PRO D 153 -12.43 41.09 4.21
N SER D 154 -11.73 41.92 3.47
CA SER D 154 -10.90 42.92 4.04
C SER D 154 -10.95 44.20 3.27
N GLU D 155 -12.12 44.80 3.14
CA GLU D 155 -12.23 46.13 2.60
C GLU D 155 -11.72 47.10 3.67
N ASN D 156 -11.30 48.28 3.26
CA ASN D 156 -11.28 48.66 1.87
C ASN D 156 -9.82 48.92 1.64
N ASP D 157 -9.25 48.29 0.64
CA ASP D 157 -7.87 48.56 0.32
C ASP D 157 -7.20 48.29 1.64
N GLU D 158 -7.71 47.29 2.36
CA GLU D 158 -7.22 47.04 3.70
C GLU D 158 -6.51 45.74 3.66
N ASN D 159 -5.26 45.73 4.08
CA ASN D 159 -4.40 44.59 3.79
C ASN D 159 -5.15 43.27 3.96
N GLU D 160 -5.17 42.47 2.90
CA GLU D 160 -6.04 41.30 2.83
C GLU D 160 -5.62 40.21 3.82
N TYR D 161 -6.60 39.40 4.23
CA TYR D 161 -6.33 38.22 5.04
C TYR D 161 -5.74 37.14 4.14
N PRO D 162 -4.93 36.24 4.74
CA PRO D 162 -4.41 35.14 3.94
C PRO D 162 -5.54 34.33 3.33
N HIS D 163 -5.19 33.48 2.36
CA HIS D 163 -6.14 32.53 1.80
C HIS D 163 -6.10 31.25 2.64
N ARG D 164 -7.27 30.67 2.93
CA ARG D 164 -7.34 29.52 3.84
C ARG D 164 -7.97 28.30 3.18
N ARG D 165 -7.62 27.11 3.65
CA ARG D 165 -8.23 25.87 3.17
C ARG D 165 -9.58 25.65 3.83
N ILE D 166 -10.58 25.32 3.02
CA ILE D 166 -11.91 25.02 3.55
C ILE D 166 -12.40 23.70 2.99
N ASP D 167 -12.92 22.86 3.88
CA ASP D 167 -13.55 21.62 3.48
C ASP D 167 -15.06 21.71 3.73
N ILE D 168 -15.84 21.01 2.91
CA ILE D 168 -17.28 20.89 3.15
C ILE D 168 -17.79 19.49 2.79
N ARG D 169 -17.92 18.63 3.79
N ARG D 169 -17.92 18.63 3.80
CA ARG D 169 -18.45 17.29 3.60
CA ARG D 169 -18.45 17.29 3.60
C ARG D 169 -19.96 17.26 3.81
C ARG D 169 -19.96 17.26 3.81
N LEU D 170 -20.69 16.74 2.84
CA LEU D 170 -22.13 16.53 2.99
C LEU D 170 -22.35 15.19 3.66
N ILE D 171 -23.22 15.13 4.66
CA ILE D 171 -23.40 13.89 5.42
C ILE D 171 -24.87 13.58 5.69
N PRO D 172 -25.28 12.31 5.52
CA PRO D 172 -26.67 11.92 5.79
C PRO D 172 -27.11 12.27 7.21
N LYS D 173 -28.29 12.84 7.33
CA LYS D 173 -28.79 13.28 8.63
C LYS D 173 -28.65 12.19 9.69
N ASP D 174 -28.94 10.94 9.32
CA ASP D 174 -28.94 9.85 10.28
C ASP D 174 -27.53 9.44 10.69
N GLN D 175 -26.53 10.02 10.03
CA GLN D 175 -25.15 9.75 10.36
C GLN D 175 -24.41 11.04 10.66
N TYR D 176 -25.12 12.15 10.79
CA TYR D 176 -24.47 13.43 10.95
C TYR D 176 -23.72 13.52 12.26
N TYR D 177 -24.41 13.37 13.38
CA TYR D 177 -23.79 13.56 14.68
C TYR D 177 -22.69 12.54 14.97
N CYS D 178 -22.66 11.46 14.20
CA CYS D 178 -21.60 10.46 14.36
C CYS D 178 -20.33 10.91 13.68
N GLY D 179 -20.49 11.60 12.55
CA GLY D 179 -19.36 12.15 11.82
C GLY D 179 -18.78 13.31 12.59
N VAL D 180 -19.67 14.13 13.15
CA VAL D 180 -19.29 15.29 13.96
C VAL D 180 -18.46 14.83 15.16
N LEU D 181 -18.92 13.79 15.81
CA LEU D 181 -18.19 13.21 16.92
C LEU D 181 -16.79 12.82 16.47
N TYR D 182 -16.72 12.10 15.35
CA TYR D 182 -15.46 11.55 14.87
C TYR D 182 -14.51 12.63 14.37
N PHE D 183 -15.02 13.54 13.55
CA PHE D 183 -14.16 14.53 12.91
C PHE D 183 -13.88 15.72 13.80
N THR D 184 -14.57 15.78 14.95
CA THR D 184 -14.23 16.74 15.99
C THR D 184 -13.24 16.10 16.94
N GLY D 185 -13.73 15.05 17.60
CA GLY D 185 -12.97 14.33 18.62
C GLY D 185 -11.59 14.90 18.83
N SER D 186 -10.71 14.03 19.29
CA SER D 186 -9.27 14.26 19.20
C SER D 186 -8.74 12.87 18.95
N ASP D 187 -7.77 12.73 18.05
CA ASP D 187 -7.36 11.39 17.66
C ASP D 187 -7.41 10.44 18.86
N ILE D 188 -6.82 10.85 19.97
CA ILE D 188 -6.74 9.97 21.15
C ILE D 188 -8.09 9.74 21.82
N PHE D 189 -8.89 10.80 21.95
CA PHE D 189 -10.21 10.68 22.59
C PHE D 189 -11.09 9.68 21.88
N ASN D 190 -11.19 9.79 20.55
CA ASN D 190 -11.99 8.87 19.77
C ASN D 190 -11.55 7.43 20.01
N LYS D 191 -10.24 7.24 20.15
CA LYS D 191 -9.68 5.93 20.43
C LYS D 191 -10.21 5.44 21.78
N ASN D 192 -10.19 6.33 22.76
CA ASN D 192 -10.63 6.01 24.12
C ASN D 192 -12.12 5.73 24.21
N MET D 193 -12.90 6.42 23.37
CA MET D 193 -14.34 6.25 23.35
C MET D 193 -14.71 4.91 22.73
N ARG D 194 -14.19 4.66 21.52
CA ARG D 194 -14.48 3.41 20.82
C ARG D 194 -14.05 2.23 21.67
N ALA D 195 -12.92 2.37 22.36
CA ALA D 195 -12.47 1.34 23.30
C ALA D 195 -13.57 1.08 24.33
N HIS D 196 -13.88 2.09 25.11
CA HIS D 196 -14.96 2.00 26.10
C HIS D 196 -16.20 1.41 25.45
N ALA D 197 -16.64 2.02 24.33
CA ALA D 197 -17.80 1.56 23.57
C ALA D 197 -17.79 0.05 23.33
N LEU D 198 -16.67 -0.46 22.79
CA LEU D 198 -16.48 -1.90 22.60
C LEU D 198 -16.61 -2.64 23.92
N GLU D 199 -16.13 -2.02 24.99
CA GLU D 199 -16.16 -2.62 26.32
C GLU D 199 -17.58 -2.69 26.88
N LYS D 200 -18.51 -2.01 26.21
CA LYS D 200 -19.90 -2.01 26.63
C LYS D 200 -20.76 -2.80 25.65
N GLY D 201 -20.13 -3.30 24.60
CA GLY D 201 -20.84 -4.05 23.57
C GLY D 201 -21.40 -3.14 22.49
N PHE D 202 -20.57 -2.25 21.99
CA PHE D 202 -20.97 -1.30 20.96
C PHE D 202 -19.82 -0.99 20.02
N THR D 203 -20.12 -0.79 18.74
CA THR D 203 -19.12 -0.39 17.76
C THR D 203 -19.41 1.00 17.18
N ILE D 204 -18.56 1.97 17.54
CA ILE D 204 -18.65 3.33 17.02
C ILE D 204 -17.71 3.56 15.84
N ASN D 205 -18.27 4.02 14.73
CA ASN D 205 -17.43 4.45 13.62
C ASN D 205 -17.97 5.74 13.03
N GLU D 206 -17.11 6.44 12.30
CA GLU D 206 -17.47 7.71 11.67
C GLU D 206 -18.94 7.74 11.27
N TYR D 207 -19.45 6.59 10.85
CA TYR D 207 -20.77 6.53 10.23
C TYR D 207 -21.91 6.21 11.21
N THR D 208 -21.67 5.30 12.15
CA THR D 208 -22.75 4.85 13.04
C THR D 208 -22.29 4.19 14.34
N ILE D 209 -23.28 3.88 15.17
CA ILE D 209 -23.07 3.11 16.38
C ILE D 209 -24.03 1.92 16.39
N ARG D 210 -23.52 0.74 16.65
CA ARG D 210 -24.34 -0.45 16.66
C ARG D 210 -23.93 -1.32 17.79
N PRO D 211 -24.84 -2.17 18.21
CA PRO D 211 -24.61 -3.03 19.34
C PRO D 211 -24.03 -4.36 18.93
N LEU D 212 -22.98 -4.75 19.61
CA LEU D 212 -22.33 -6.04 19.40
C LEU D 212 -23.14 -7.13 20.08
N GLY D 213 -23.62 -8.08 19.29
CA GLY D 213 -24.37 -9.22 19.82
C GLY D 213 -23.50 -10.16 20.62
N VAL D 214 -24.10 -11.25 21.10
CA VAL D 214 -23.43 -12.17 22.03
C VAL D 214 -22.25 -12.88 21.34
N THR D 215 -22.44 -13.23 20.07
CA THR D 215 -21.39 -13.84 19.29
C THR D 215 -20.36 -12.78 18.91
N GLY D 216 -20.85 -11.63 18.48
CA GLY D 216 -19.97 -10.52 18.13
C GLY D 216 -20.43 -9.80 16.88
N VAL D 217 -21.61 -10.16 16.38
CA VAL D 217 -22.11 -9.62 15.13
C VAL D 217 -22.78 -8.27 15.34
N ALA D 218 -22.22 -7.23 14.73
CA ALA D 218 -22.73 -5.87 14.92
C ALA D 218 -24.20 -5.79 14.52
N GLY D 219 -24.99 -5.10 15.34
CA GLY D 219 -26.43 -4.96 15.11
C GLY D 219 -26.77 -3.80 14.19
N GLU D 220 -28.06 -3.46 14.14
CA GLU D 220 -28.53 -2.43 13.24
C GLU D 220 -28.04 -1.06 13.69
N PRO D 221 -27.73 -0.18 12.73
CA PRO D 221 -27.37 1.20 13.03
C PRO D 221 -28.40 1.84 13.96
N LEU D 222 -27.96 2.35 15.09
CA LEU D 222 -28.86 2.93 16.09
C LEU D 222 -29.26 4.37 15.75
N PRO D 223 -30.44 4.79 16.23
CA PRO D 223 -30.94 6.15 16.03
C PRO D 223 -30.14 7.17 16.83
N VAL D 224 -29.70 8.24 16.17
CA VAL D 224 -28.86 9.24 16.81
C VAL D 224 -29.19 10.64 16.32
N ASP D 225 -29.56 11.52 17.23
CA ASP D 225 -29.91 12.90 16.89
C ASP D 225 -29.12 13.91 17.71
N SER D 226 -27.99 13.46 18.25
CA SER D 226 -27.05 14.33 18.91
C SER D 226 -25.84 13.51 19.30
N GLU D 227 -24.80 14.16 19.79
CA GLU D 227 -23.65 13.44 20.35
C GLU D 227 -24.07 12.73 21.62
N GLN D 228 -24.88 13.39 22.43
CA GLN D 228 -25.35 12.81 23.69
C GLN D 228 -25.87 11.39 23.46
N ASP D 229 -26.78 11.24 22.50
CA ASP D 229 -27.36 9.94 22.21
C ASP D 229 -26.26 8.88 22.14
N ILE D 230 -25.17 9.21 21.45
CA ILE D 230 -24.06 8.28 21.29
C ILE D 230 -23.37 8.00 22.63
N PHE D 231 -23.35 9.01 23.50
CA PHE D 231 -22.76 8.87 24.84
C PHE D 231 -23.69 8.11 25.78
N ASP D 232 -25.00 8.21 25.55
CA ASP D 232 -25.98 7.52 26.39
C ASP D 232 -25.94 6.03 26.12
N TYR D 233 -26.03 5.67 24.84
CA TYR D 233 -25.98 4.27 24.47
C TYR D 233 -24.89 3.58 25.27
N ILE D 234 -23.68 4.14 25.26
CA ILE D 234 -22.55 3.49 25.92
C ILE D 234 -22.41 3.90 27.39
N GLN D 235 -23.40 4.62 27.89
CA GLN D 235 -23.42 5.07 29.28
C GLN D 235 -22.08 5.63 29.70
N TRP D 236 -21.54 6.54 28.90
CA TRP D 236 -20.29 7.19 29.24
C TRP D 236 -20.60 8.66 29.48
N ARG D 237 -19.90 9.26 30.44
CA ARG D 237 -20.18 10.64 30.79
C ARG D 237 -19.86 11.52 29.59
N TYR D 238 -20.81 12.39 29.22
CA TYR D 238 -20.63 13.26 28.07
C TYR D 238 -19.48 14.25 28.28
N ARG D 239 -18.69 14.44 27.24
CA ARG D 239 -17.60 15.41 27.24
C ARG D 239 -17.91 16.54 26.27
N GLU D 240 -17.86 17.78 26.73
CA GLU D 240 -17.92 18.90 25.80
C GLU D 240 -16.64 18.91 25.00
N PRO D 241 -16.74 19.24 23.71
CA PRO D 241 -15.59 19.19 22.82
C PRO D 241 -14.31 19.66 23.52
N LYS D 242 -14.42 20.71 24.32
N LYS D 242 -14.44 20.71 24.32
CA LYS D 242 -13.24 21.31 24.95
CA LYS D 242 -13.30 21.33 24.99
C LYS D 242 -12.60 20.35 25.95
C LYS D 242 -12.61 20.34 25.92
N ASP D 243 -13.39 19.41 26.46
CA ASP D 243 -12.88 18.44 27.42
C ASP D 243 -12.58 17.12 26.74
N ARG D 244 -12.13 17.20 25.49
CA ARG D 244 -11.73 16.02 24.75
C ARG D 244 -10.29 16.17 24.28
N SER D 245 -9.43 16.65 25.18
CA SER D 245 -8.00 16.66 24.91
C SER D 245 -7.48 15.23 24.91
N GLU D 246 -7.90 14.45 25.90
CA GLU D 246 -7.61 13.01 25.90
C GLU D 246 -8.87 12.25 25.46
#